data_3A3F
#
_entry.id   3A3F
#
_cell.length_a   64.799
_cell.length_b   92.103
_cell.length_c   104.454
_cell.angle_alpha   90.00
_cell.angle_beta   107.95
_cell.angle_gamma   90.00
#
_symmetry.space_group_name_H-M   'P 1 21 1'
#
loop_
_entity.id
_entity.type
_entity.pdbx_description
1 polymer 'Penicillin-binding protein 4'
2 non-polymer '(2R,4S)-5,5-dimethyl-2-[(1R)-2-oxo-1-({(2R)-2-[(2-oxoimidazolidin-1-yl)amino]-2-phenylacetyl}amino)ethyl]-1,3-thiazolidine-4-carboxylic acid'
3 water water
#
_entity_poly.entity_id   1
_entity_poly.type   'polypeptide(L)'
_entity_poly.pdbx_seq_one_letter_code
;MINVSDLTQKLPEGSNAGVIAKNINQNQIIADYNGSTFMLPASTQKVFTAVAAKLALGDQFQFETALLSNGKIQNGNLDG
NLIVSFTGDPDLTRGQLYSLLAELKKQGIKKINGDLVLDTSVFSSHDRGLGWIWNDLTMCFNSPPAAANIDNNCFYAELD
ANKNPGEIVKINVPAQFPIQVFGQVYVADSNEAPYCQLDVVVHDNNRYQVKGCLARQYKPFGLSFAVQNTDAYAAAIIQR
QLRKLGIEFNGKVLLPQKPQQGQLLAKHLSKPLPDLLKKMMKKSDNQIADSLFRAVAFNYYKRPASFQLGTLAVKSILQK
QGIRFGNSILADGSGLSRHNLVAPKTMLSVLEYIAKNEDKLHLMETFPIAGVDGTISGRGGLISPPLVKNVIAKTGSLKG
VYNLAGFMTNARGEKVAFVQFINGYSTGDLESKTKRAPLVQFERNLYNELYKY
;
_entity_poly.pdbx_strand_id   A,B
#
loop_
_chem_comp.id
_chem_comp.type
_chem_comp.name
_chem_comp.formula
FMZ non-polymer '(2R,4S)-5,5-dimethyl-2-[(1R)-2-oxo-1-({(2R)-2-[(2-oxoimidazolidin-1-yl)amino]-2-phenylacetyl}amino)ethyl]-1,3-thiazolidine-4-carboxylic acid' 'C19 H25 N5 O5 S'
#
# COMPACT_ATOMS: atom_id res chain seq x y z
N MET A 1 -29.60 -21.55 -13.82
CA MET A 1 -28.98 -20.23 -13.67
C MET A 1 -28.12 -20.15 -14.86
N ILE A 2 -27.56 -18.95 -15.04
CA ILE A 2 -26.67 -18.68 -16.14
C ILE A 2 -25.42 -19.45 -15.85
N ASN A 3 -24.87 -20.07 -16.88
CA ASN A 3 -23.62 -20.75 -16.70
C ASN A 3 -22.50 -19.69 -16.77
N VAL A 4 -22.23 -18.98 -15.69
CA VAL A 4 -21.17 -17.94 -15.72
C VAL A 4 -19.79 -18.50 -15.97
N SER A 5 -19.55 -19.67 -15.42
CA SER A 5 -18.33 -20.36 -15.66
C SER A 5 -17.97 -20.45 -17.14
N ASP A 6 -18.91 -20.81 -18.03
CA ASP A 6 -18.51 -20.76 -19.48
C ASP A 6 -18.13 -19.33 -19.86
N LEU A 7 -18.91 -18.36 -19.38
CA LEU A 7 -18.63 -16.97 -19.82
C LEU A 7 -17.18 -16.54 -19.41
N THR A 8 -16.74 -16.93 -18.21
CA THR A 8 -15.38 -16.54 -17.78
C THR A 8 -14.26 -17.07 -18.65
N GLN A 9 -14.52 -18.07 -19.51
CA GLN A 9 -13.53 -18.49 -20.48
C GLN A 9 -13.04 -17.33 -21.33
N LYS A 10 -13.83 -16.29 -21.57
CA LYS A 10 -13.29 -15.14 -22.31
C LYS A 10 -12.39 -14.21 -21.50
N LEU A 11 -12.33 -14.37 -20.19
CA LEU A 11 -11.55 -13.47 -19.35
C LEU A 11 -10.09 -13.93 -19.43
N PRO A 12 -9.09 -13.06 -19.15
CA PRO A 12 -7.76 -13.65 -19.28
C PRO A 12 -7.57 -14.78 -18.32
N GLU A 13 -6.69 -15.69 -18.69
CA GLU A 13 -6.35 -16.75 -17.80
C GLU A 13 -5.78 -16.24 -16.45
N GLY A 14 -6.08 -16.99 -15.41
CA GLY A 14 -5.82 -16.63 -14.02
C GLY A 14 -6.82 -15.67 -13.31
N SER A 15 -7.72 -15.00 -14.04
CA SER A 15 -8.59 -14.05 -13.37
C SER A 15 -9.62 -14.83 -12.61
N ASN A 16 -10.28 -14.18 -11.67
CA ASN A 16 -11.35 -14.81 -11.00
C ASN A 16 -12.58 -13.87 -11.00
N ALA A 17 -13.78 -14.45 -11.11
CA ALA A 17 -14.98 -13.63 -11.22
C ALA A 17 -15.95 -14.05 -10.16
N GLY A 18 -16.56 -13.06 -9.50
CA GLY A 18 -17.70 -13.30 -8.61
C GLY A 18 -18.92 -12.65 -9.25
N VAL A 19 -19.93 -13.41 -9.58
CA VAL A 19 -21.06 -12.84 -10.22
C VAL A 19 -22.33 -13.26 -9.52
N ILE A 20 -23.20 -12.33 -9.17
CA ILE A 20 -24.49 -12.78 -8.63
C ILE A 20 -25.56 -11.80 -9.14
N ALA A 21 -26.75 -12.31 -9.44
CA ALA A 21 -27.77 -11.45 -9.99
C ALA A 21 -29.13 -11.93 -9.55
N LYS A 22 -30.05 -10.99 -9.34
CA LYS A 22 -31.36 -11.38 -8.87
C LYS A 22 -32.46 -10.74 -9.69
N ASN A 23 -33.45 -11.54 -10.08
CA ASN A 23 -34.61 -10.96 -10.78
C ASN A 23 -35.51 -10.45 -9.70
N ILE A 24 -35.52 -9.15 -9.50
CA ILE A 24 -36.25 -8.59 -8.40
C ILE A 24 -37.74 -8.87 -8.49
N ASN A 25 -38.33 -8.79 -9.67
CA ASN A 25 -39.80 -9.08 -9.78
C ASN A 25 -40.14 -10.48 -9.36
N GLN A 26 -39.33 -11.45 -9.80
CA GLN A 26 -39.66 -12.82 -9.42
C GLN A 26 -39.02 -13.15 -8.07
N ASN A 27 -38.14 -12.30 -7.55
CA ASN A 27 -37.30 -12.74 -6.39
C ASN A 27 -36.57 -14.05 -6.68
N GLN A 28 -35.98 -14.19 -7.87
CA GLN A 28 -35.15 -15.35 -8.19
C GLN A 28 -33.69 -14.93 -8.40
N ILE A 29 -32.77 -15.68 -7.78
CA ILE A 29 -31.34 -15.55 -8.07
C ILE A 29 -31.15 -16.17 -9.44
N ILE A 30 -30.63 -15.46 -10.42
CA ILE A 30 -30.49 -16.13 -11.73
C ILE A 30 -29.08 -16.40 -12.15
N ALA A 31 -28.13 -15.92 -11.35
CA ALA A 31 -26.69 -16.21 -11.59
C ALA A 31 -26.03 -16.21 -10.26
N ASP A 32 -25.16 -17.18 -10.02
CA ASP A 32 -24.55 -17.30 -8.72
C ASP A 32 -23.26 -18.05 -8.91
N TYR A 33 -22.20 -17.29 -9.07
CA TYR A 33 -20.94 -17.88 -9.36
C TYR A 33 -19.93 -17.20 -8.45
N ASN A 34 -19.30 -17.97 -7.54
CA ASN A 34 -18.49 -17.34 -6.46
C ASN A 34 -19.18 -16.21 -5.70
N GLY A 35 -20.47 -16.35 -5.49
CA GLY A 35 -21.26 -15.28 -4.91
C GLY A 35 -20.95 -15.03 -3.46
N SER A 36 -20.32 -16.00 -2.77
CA SER A 36 -20.00 -15.84 -1.39
C SER A 36 -18.53 -15.61 -1.17
N THR A 37 -17.75 -15.59 -2.24
CA THR A 37 -16.29 -15.41 -2.10
C THR A 37 -15.94 -13.93 -1.80
N PHE A 38 -15.11 -13.66 -0.78
CA PHE A 38 -14.65 -12.26 -0.56
C PHE A 38 -13.76 -11.74 -1.68
N MET A 39 -14.07 -10.59 -2.30
CA MET A 39 -13.15 -10.06 -3.28
C MET A 39 -12.94 -8.55 -3.06
N LEU A 40 -12.19 -7.92 -3.94
CA LEU A 40 -11.87 -6.48 -3.80
C LEU A 40 -13.01 -5.74 -4.59
N PRO A 41 -13.85 -4.98 -3.90
CA PRO A 41 -14.99 -4.26 -4.56
C PRO A 41 -14.53 -3.03 -5.41
N ALA A 42 -13.34 -2.54 -5.13
CA ALA A 42 -12.86 -1.26 -5.70
C ALA A 42 -13.99 -0.21 -5.44
N SER A 43 -14.19 0.70 -6.39
CA SER A 43 -15.12 1.82 -6.18
C SER A 43 -16.58 1.41 -6.13
N THR A 44 -16.92 0.17 -6.46
CA THR A 44 -18.32 -0.21 -6.16
C THR A 44 -18.61 -0.14 -4.64
N GLN A 45 -17.57 -0.11 -3.80
CA GLN A 45 -17.79 0.06 -2.34
C GLN A 45 -18.60 1.35 -2.01
N LYS A 46 -18.51 2.32 -2.91
CA LYS A 46 -19.18 3.62 -2.73
C LYS A 46 -20.67 3.46 -2.59
N VAL A 47 -21.21 2.34 -3.11
CA VAL A 47 -22.61 2.07 -2.93
C VAL A 47 -23.01 2.02 -1.41
N PHE A 48 -22.15 1.41 -0.58
CA PHE A 48 -22.40 1.31 0.85
C PHE A 48 -22.44 2.67 1.41
N THR A 49 -21.45 3.46 1.02
CA THR A 49 -21.31 4.81 1.53
C THR A 49 -22.49 5.71 1.12
N ALA A 50 -22.97 5.60 -0.11
CA ALA A 50 -24.14 6.40 -0.51
C ALA A 50 -25.33 6.16 0.44
N VAL A 51 -25.60 4.89 0.70
CA VAL A 51 -26.70 4.49 1.55
C VAL A 51 -26.44 4.95 2.97
N ALA A 52 -25.27 4.71 3.52
CA ALA A 52 -25.09 5.18 4.93
C ALA A 52 -25.27 6.73 5.03
N ALA A 53 -24.82 7.48 4.02
CA ALA A 53 -24.88 8.96 4.07
C ALA A 53 -26.34 9.40 3.95
N LYS A 54 -27.07 8.80 3.04
CA LYS A 54 -28.48 9.14 2.96
C LYS A 54 -29.10 8.94 4.30
N LEU A 55 -28.83 7.80 4.94
CA LEU A 55 -29.58 7.46 6.18
C LEU A 55 -29.13 8.33 7.35
N ALA A 56 -27.87 8.66 7.41
CA ALA A 56 -27.40 9.25 8.62
C ALA A 56 -27.05 10.72 8.49
N LEU A 57 -26.80 11.24 7.28
CA LEU A 57 -26.60 12.68 7.10
C LEU A 57 -27.88 13.28 6.56
N GLY A 58 -28.56 12.59 5.64
CA GLY A 58 -29.81 13.19 5.12
C GLY A 58 -29.59 14.20 3.99
N ASP A 59 -30.68 14.53 3.26
CA ASP A 59 -30.55 15.32 2.04
C ASP A 59 -30.18 16.76 2.25
N GLN A 60 -30.27 17.24 3.49
CA GLN A 60 -29.96 18.66 3.77
C GLN A 60 -28.50 18.81 4.23
N PHE A 61 -27.76 17.71 4.37
CA PHE A 61 -26.40 17.79 4.86
C PHE A 61 -25.58 18.64 3.87
N GLN A 62 -24.78 19.55 4.40
CA GLN A 62 -23.80 20.27 3.64
C GLN A 62 -22.51 20.33 4.45
N PHE A 63 -21.33 20.16 3.83
CA PHE A 63 -20.07 20.44 4.59
C PHE A 63 -19.94 21.93 4.89
N GLU A 64 -19.33 22.28 6.02
CA GLU A 64 -19.19 23.65 6.42
C GLU A 64 -17.73 24.06 6.53
N THR A 65 -17.42 25.25 6.04
CA THR A 65 -16.05 25.75 6.16
C THR A 65 -16.24 27.19 6.74
N ALA A 66 -15.65 27.50 7.89
CA ALA A 66 -16.18 28.65 8.66
C ALA A 66 -15.08 29.56 9.15
N LEU A 67 -15.36 30.86 9.27
CA LEU A 67 -14.44 31.74 9.95
C LEU A 67 -15.05 32.12 11.34
N LEU A 68 -14.20 32.12 12.39
CA LEU A 68 -14.58 32.43 13.79
C LEU A 68 -13.47 33.24 14.40
N SER A 69 -13.83 34.01 15.42
CA SER A 69 -12.82 34.73 16.19
C SER A 69 -13.22 34.71 17.62
N ASN A 70 -12.18 34.64 18.44
CA ASN A 70 -12.30 34.64 19.90
C ASN A 70 -12.39 36.08 20.39
N GLY A 71 -12.04 37.07 19.55
CA GLY A 71 -12.06 38.48 19.92
C GLY A 71 -13.01 39.35 19.09
N LYS A 72 -12.88 40.67 19.23
CA LYS A 72 -13.90 41.62 18.72
C LYS A 72 -13.32 42.54 17.65
N ILE A 73 -14.18 42.95 16.73
CA ILE A 73 -13.78 43.86 15.67
C ILE A 73 -13.92 45.28 16.19
N GLN A 74 -12.83 46.03 16.16
CA GLN A 74 -12.95 47.47 16.35
C GLN A 74 -11.93 48.28 15.57
N ASN A 75 -12.43 49.39 15.04
CA ASN A 75 -11.60 50.33 14.32
C ASN A 75 -10.80 49.69 13.19
N GLY A 76 -11.50 48.77 12.48
CA GLY A 76 -10.94 48.06 11.33
C GLY A 76 -10.01 46.91 11.71
N ASN A 77 -9.92 46.63 13.00
CA ASN A 77 -9.03 45.59 13.51
C ASN A 77 -9.81 44.42 14.05
N LEU A 78 -9.45 43.20 13.63
CA LEU A 78 -9.90 42.04 14.37
C LEU A 78 -8.87 41.82 15.49
N ASP A 79 -9.33 42.06 16.71
CA ASP A 79 -8.49 42.03 17.88
C ASP A 79 -8.53 40.63 18.51
N GLY A 80 -7.78 39.71 17.90
CA GLY A 80 -7.80 38.32 18.35
C GLY A 80 -7.43 37.45 17.17
N ASN A 81 -7.75 36.18 17.27
CA ASN A 81 -7.28 35.22 16.26
C ASN A 81 -8.29 35.03 15.15
N LEU A 82 -7.82 34.79 13.92
CA LEU A 82 -8.69 34.28 12.86
C LEU A 82 -8.70 32.73 12.90
N ILE A 83 -9.83 32.16 13.28
CA ILE A 83 -9.98 30.71 13.30
C ILE A 83 -10.65 30.31 12.00
N VAL A 84 -10.02 29.44 11.20
CA VAL A 84 -10.68 28.88 9.99
C VAL A 84 -10.87 27.39 10.26
N SER A 85 -12.13 27.00 10.24
CA SER A 85 -12.61 25.71 10.55
C SER A 85 -12.89 24.93 9.25
N PHE A 86 -12.26 23.78 9.10
CA PHE A 86 -12.46 22.91 7.91
C PHE A 86 -13.04 21.62 8.39
N THR A 87 -13.99 21.09 7.66
CA THR A 87 -14.66 19.88 8.13
C THR A 87 -14.70 18.83 7.04
N GLY A 88 -13.82 18.91 6.03
CA GLY A 88 -13.73 17.78 5.06
C GLY A 88 -14.38 18.00 3.69
N ASP A 89 -14.90 19.23 3.47
CA ASP A 89 -15.58 19.58 2.18
C ASP A 89 -14.67 19.14 1.01
N PRO A 90 -15.13 18.13 0.23
CA PRO A 90 -14.25 17.59 -0.78
C PRO A 90 -14.41 18.37 -2.08
N ASP A 91 -15.18 19.47 -2.09
CA ASP A 91 -15.45 20.16 -3.32
C ASP A 91 -15.08 21.62 -3.11
N LEU A 92 -14.32 21.98 -2.05
CA LEU A 92 -13.94 23.41 -1.77
C LEU A 92 -12.85 23.86 -2.75
N THR A 93 -13.14 24.91 -3.50
CA THR A 93 -12.13 25.53 -4.37
C THR A 93 -11.46 26.74 -3.72
N ARG A 94 -10.32 27.10 -4.29
CA ARG A 94 -9.49 28.21 -3.89
C ARG A 94 -10.32 29.50 -3.98
N GLY A 95 -11.09 29.62 -5.06
CA GLY A 95 -12.05 30.71 -5.29
C GLY A 95 -13.12 30.81 -4.20
N GLN A 96 -13.61 29.65 -3.75
CA GLN A 96 -14.65 29.65 -2.73
C GLN A 96 -14.03 30.08 -1.42
N LEU A 97 -12.79 29.65 -1.14
CA LEU A 97 -12.14 30.05 0.13
C LEU A 97 -11.86 31.55 0.07
N TYR A 98 -11.44 32.05 -1.08
CA TYR A 98 -11.12 33.47 -1.26
C TYR A 98 -12.35 34.31 -0.94
N SER A 99 -13.51 33.90 -1.49
CA SER A 99 -14.73 34.70 -1.29
C SER A 99 -15.20 34.62 0.15
N LEU A 100 -14.94 33.50 0.83
CA LEU A 100 -15.28 33.38 2.20
C LEU A 100 -14.43 34.39 3.02
N LEU A 101 -13.13 34.46 2.73
CA LEU A 101 -12.25 35.34 3.51
C LEU A 101 -12.60 36.82 3.23
N ALA A 102 -13.12 37.07 2.02
CA ALA A 102 -13.51 38.41 1.55
C ALA A 102 -14.58 38.97 2.47
N GLU A 103 -15.35 38.07 3.04
CA GLU A 103 -16.42 38.40 3.91
C GLU A 103 -15.81 39.10 5.16
N LEU A 104 -14.56 38.88 5.42
CA LEU A 104 -13.98 39.60 6.53
C LEU A 104 -13.89 41.11 6.19
N LYS A 105 -13.49 41.40 4.96
CA LYS A 105 -13.41 42.75 4.40
C LYS A 105 -14.76 43.45 4.49
N LYS A 106 -15.86 42.74 4.21
CA LYS A 106 -17.19 43.35 4.22
C LYS A 106 -17.58 43.67 5.61
N GLN A 107 -17.09 42.90 6.56
CA GLN A 107 -17.39 43.22 7.94
C GLN A 107 -16.45 44.27 8.46
N GLY A 108 -15.73 44.92 7.56
CA GLY A 108 -14.88 46.04 7.95
C GLY A 108 -13.51 45.67 8.48
N ILE A 109 -13.17 44.38 8.50
CA ILE A 109 -11.81 44.05 9.00
C ILE A 109 -10.71 44.38 7.97
N LYS A 110 -9.69 45.15 8.34
CA LYS A 110 -8.58 45.34 7.42
C LYS A 110 -7.29 44.95 8.09
N LYS A 111 -7.40 44.47 9.31
CA LYS A 111 -6.25 43.94 9.97
C LYS A 111 -6.60 42.92 11.04
N ILE A 112 -5.83 41.83 11.08
CA ILE A 112 -5.98 40.80 12.11
C ILE A 112 -4.81 41.01 13.02
N ASN A 113 -5.04 41.14 14.32
CA ASN A 113 -3.99 41.48 15.28
C ASN A 113 -3.30 40.24 15.83
N GLY A 114 -3.97 39.09 15.73
CA GLY A 114 -3.48 37.89 16.35
C GLY A 114 -2.96 36.91 15.33
N ASP A 115 -3.21 35.63 15.63
CA ASP A 115 -2.64 34.50 14.93
C ASP A 115 -3.72 33.82 14.05
N LEU A 116 -3.30 32.99 13.10
CA LEU A 116 -4.19 32.21 12.29
C LEU A 116 -4.19 30.84 12.92
N VAL A 117 -5.38 30.38 13.19
CA VAL A 117 -5.63 29.14 13.84
C VAL A 117 -6.56 28.28 12.96
N LEU A 118 -6.09 27.09 12.56
CA LEU A 118 -6.90 26.10 11.87
C LEU A 118 -7.48 25.10 12.87
N ASP A 119 -8.79 24.87 12.78
CA ASP A 119 -9.49 23.83 13.49
C ASP A 119 -9.84 22.76 12.44
N THR A 120 -9.21 21.58 12.54
CA THR A 120 -9.46 20.49 11.59
C THR A 120 -9.89 19.26 12.43
N SER A 121 -10.41 19.55 13.60
CA SER A 121 -10.61 18.60 14.64
C SER A 121 -11.71 17.57 14.30
N VAL A 122 -12.56 17.82 13.28
CA VAL A 122 -13.60 16.82 13.05
C VAL A 122 -13.04 15.46 12.52
N PHE A 123 -11.86 15.46 11.92
CA PHE A 123 -11.30 14.21 11.43
C PHE A 123 -10.08 13.88 12.32
N SER A 124 -9.81 12.62 12.64
CA SER A 124 -8.60 12.25 13.42
C SER A 124 -7.85 11.06 12.83
N SER A 125 -6.61 10.91 13.26
CA SER A 125 -5.75 9.81 12.92
C SER A 125 -5.40 10.10 11.46
N HIS A 126 -5.09 9.09 10.67
CA HIS A 126 -4.49 9.38 9.36
C HIS A 126 -5.63 9.86 8.45
N ASP A 127 -5.27 10.61 7.41
CA ASP A 127 -6.20 10.95 6.33
C ASP A 127 -6.12 10.00 5.17
N ARG A 128 -5.63 8.79 5.41
CA ARG A 128 -5.72 7.79 4.39
C ARG A 128 -6.15 6.45 4.98
N GLY A 129 -6.82 5.64 4.14
CA GLY A 129 -7.29 4.30 4.51
C GLY A 129 -6.11 3.37 4.82
N LEU A 130 -6.36 2.46 5.74
CA LEU A 130 -5.41 1.42 5.95
C LEU A 130 -5.46 0.47 4.72
N GLY A 131 -4.29 -0.03 4.35
CA GLY A 131 -4.21 -0.98 3.21
C GLY A 131 -4.15 -0.31 1.84
N TRP A 132 -4.15 1.04 1.84
CA TRP A 132 -3.84 1.80 0.60
C TRP A 132 -2.39 1.52 0.30
N ILE A 133 -2.07 1.56 -0.96
CA ILE A 133 -0.76 1.26 -1.44
C ILE A 133 0.08 2.52 -1.37
N TRP A 134 1.38 2.40 -1.08
CA TRP A 134 2.17 3.59 -0.74
C TRP A 134 2.53 4.42 -1.97
N ASN A 135 2.74 3.79 -3.13
CA ASN A 135 3.45 4.56 -4.15
C ASN A 135 2.53 5.40 -5.08
N ASP A 136 1.22 5.34 -4.87
CA ASP A 136 0.23 6.19 -5.59
C ASP A 136 -0.08 7.44 -4.77
N LEU A 137 0.41 7.48 -3.52
CA LEU A 137 -0.10 8.55 -2.61
C LEU A 137 0.27 9.97 -3.07
N THR A 138 1.05 10.05 -4.12
CA THR A 138 1.51 11.37 -4.64
C THR A 138 0.68 11.71 -5.87
N MET A 139 -0.16 10.79 -6.32
CA MET A 139 -1.03 11.07 -7.47
C MET A 139 -2.38 11.68 -7.12
N CYS A 140 -2.80 12.55 -8.00
CA CYS A 140 -4.01 13.33 -7.80
C CYS A 140 -5.24 12.43 -7.49
N PHE A 141 -5.42 11.29 -8.22
CA PHE A 141 -6.60 10.40 -7.99
C PHE A 141 -6.59 9.87 -6.58
N ASN A 142 -5.42 9.94 -5.96
CA ASN A 142 -5.33 9.39 -4.65
C ASN A 142 -5.12 10.49 -3.57
N SER A 143 -5.59 11.71 -3.82
CA SER A 143 -5.33 12.84 -2.88
C SER A 143 -6.04 12.58 -1.57
N PRO A 144 -5.52 13.17 -0.47
CA PRO A 144 -5.97 12.77 0.87
C PRO A 144 -7.32 13.37 1.18
N PRO A 145 -8.26 12.51 1.57
CA PRO A 145 -9.55 13.19 1.83
C PRO A 145 -9.47 13.81 3.26
N ALA A 146 -8.78 14.94 3.44
CA ALA A 146 -8.44 15.43 4.77
C ALA A 146 -9.47 16.47 5.24
N ALA A 147 -9.42 16.97 6.47
CA ALA A 147 -10.35 18.07 6.87
C ALA A 147 -10.17 19.25 5.95
N ALA A 148 -8.93 19.62 5.68
CA ALA A 148 -8.69 20.76 4.80
C ALA A 148 -8.43 20.22 3.39
N ASN A 149 -9.27 20.64 2.49
CA ASN A 149 -9.19 20.17 1.15
C ASN A 149 -9.48 21.38 0.26
N ILE A 150 -8.46 21.79 -0.46
CA ILE A 150 -8.58 22.87 -1.46
C ILE A 150 -8.17 22.44 -2.85
N ASP A 151 -9.05 22.67 -3.83
CA ASP A 151 -8.88 22.25 -5.25
C ASP A 151 -8.48 20.77 -5.31
N ASN A 152 -9.26 19.97 -4.59
CA ASN A 152 -9.15 18.49 -4.51
C ASN A 152 -7.78 18.07 -3.90
N ASN A 153 -7.12 19.00 -3.19
CA ASN A 153 -5.81 18.70 -2.65
C ASN A 153 -4.90 18.18 -3.76
N CYS A 154 -4.92 18.89 -4.87
CA CYS A 154 -4.13 18.42 -5.97
C CYS A 154 -3.55 19.65 -6.72
N PHE A 155 -2.31 19.59 -7.15
CA PHE A 155 -1.79 20.66 -8.03
C PHE A 155 -1.09 20.03 -9.26
N TYR A 156 -0.86 20.87 -10.25
CA TYR A 156 -0.33 20.48 -11.54
C TYR A 156 1.06 21.07 -11.73
N ALA A 157 2.02 20.29 -12.19
CA ALA A 157 3.34 20.87 -12.52
C ALA A 157 3.68 20.43 -13.93
N GLU A 158 4.48 21.21 -14.63
CA GLU A 158 4.90 20.81 -15.97
C GLU A 158 6.36 20.46 -16.07
N LEU A 159 6.66 19.34 -16.71
CA LEU A 159 8.03 18.95 -16.86
C LEU A 159 8.38 19.22 -18.36
N ASP A 160 9.35 20.07 -18.61
CA ASP A 160 9.74 20.23 -20.02
C ASP A 160 10.88 19.29 -20.31
N ALA A 161 10.57 18.17 -20.95
CA ALA A 161 11.55 17.17 -21.27
C ALA A 161 11.72 17.11 -22.79
N ASN A 162 11.29 18.19 -23.47
CA ASN A 162 11.49 18.30 -24.95
C ASN A 162 12.91 18.84 -25.25
N LYS A 163 13.93 18.02 -24.98
CA LYS A 163 15.33 18.47 -24.96
C LYS A 163 16.21 17.28 -25.31
N ASN A 164 17.52 17.47 -25.60
CA ASN A 164 18.37 16.31 -25.98
C ASN A 164 18.70 15.46 -24.78
N PRO A 165 19.02 14.19 -25.04
CA PRO A 165 19.53 13.24 -24.07
C PRO A 165 20.63 13.90 -23.32
N GLY A 166 20.62 13.80 -22.00
CA GLY A 166 21.71 14.32 -21.25
C GLY A 166 21.31 15.66 -20.72
N GLU A 167 20.28 16.32 -21.27
CA GLU A 167 19.86 17.61 -20.68
C GLU A 167 18.97 17.44 -19.43
N ILE A 168 18.94 18.46 -18.58
CA ILE A 168 18.15 18.43 -17.37
C ILE A 168 16.75 18.92 -17.69
N VAL A 169 15.75 18.12 -17.34
CA VAL A 169 14.35 18.49 -17.52
C VAL A 169 14.01 19.74 -16.69
N LYS A 170 13.23 20.64 -17.28
CA LYS A 170 12.92 21.91 -16.65
C LYS A 170 11.57 21.69 -15.92
N ILE A 171 11.55 22.07 -14.64
CA ILE A 171 10.34 21.89 -13.87
C ILE A 171 9.59 23.23 -13.83
N ASN A 172 8.32 23.24 -14.22
CA ASN A 172 7.57 24.51 -14.08
C ASN A 172 6.33 24.40 -13.16
N VAL A 173 6.34 25.12 -12.06
CA VAL A 173 5.20 25.04 -11.20
C VAL A 173 4.44 26.35 -11.16
N PRO A 174 3.14 26.37 -11.53
CA PRO A 174 2.42 27.65 -11.57
C PRO A 174 2.48 28.40 -10.23
N ALA A 175 2.65 29.72 -10.29
CA ALA A 175 2.96 30.52 -9.09
C ALA A 175 1.84 30.44 -8.01
N GLN A 176 0.59 30.21 -8.40
CA GLN A 176 -0.50 30.04 -7.40
C GLN A 176 -0.36 28.88 -6.37
N PHE A 177 0.51 27.87 -6.60
CA PHE A 177 0.65 26.75 -5.64
C PHE A 177 1.75 27.00 -4.64
N PRO A 178 1.43 27.04 -3.32
CA PRO A 178 2.54 27.19 -2.36
C PRO A 178 3.27 25.87 -2.04
N ILE A 179 3.91 25.25 -3.01
CA ILE A 179 4.60 23.98 -2.81
C ILE A 179 5.93 24.17 -3.54
N GLN A 180 6.88 23.24 -3.42
CA GLN A 180 8.10 23.27 -4.23
C GLN A 180 8.39 21.95 -4.85
N VAL A 181 8.63 21.94 -6.14
CA VAL A 181 9.10 20.74 -6.84
C VAL A 181 10.54 21.03 -7.24
N PHE A 182 11.46 20.13 -6.90
CA PHE A 182 12.85 20.32 -7.24
C PHE A 182 13.42 18.99 -7.65
N GLY A 183 14.63 18.98 -8.22
CA GLY A 183 15.40 17.75 -8.35
C GLY A 183 16.00 17.77 -9.72
N GLN A 184 16.75 16.77 -10.11
CA GLN A 184 17.45 16.79 -11.40
C GLN A 184 17.07 15.59 -12.23
N VAL A 185 16.02 15.71 -13.03
CA VAL A 185 15.62 14.63 -13.91
C VAL A 185 16.33 14.88 -15.22
N TYR A 186 16.85 13.84 -15.87
CA TYR A 186 17.55 14.08 -17.11
C TYR A 186 16.90 13.37 -18.27
N VAL A 187 17.20 13.82 -19.48
CA VAL A 187 16.55 13.16 -20.62
C VAL A 187 17.51 12.06 -20.99
N ALA A 188 16.98 10.86 -21.21
CA ALA A 188 17.80 9.68 -21.50
C ALA A 188 17.67 9.31 -22.99
N ASP A 189 18.69 8.74 -23.60
CA ASP A 189 18.56 8.29 -25.02
C ASP A 189 17.64 7.07 -25.16
N SER A 190 17.45 6.66 -26.41
CA SER A 190 16.58 5.54 -26.73
C SER A 190 17.11 4.23 -26.14
N ASN A 191 18.44 4.12 -26.01
CA ASN A 191 19.07 2.95 -25.37
C ASN A 191 18.73 2.92 -23.87
N GLU A 192 19.11 3.96 -23.11
CA GLU A 192 18.84 4.01 -21.66
C GLU A 192 17.37 4.11 -21.29
N ALA A 193 16.59 4.78 -22.12
CA ALA A 193 15.17 5.09 -21.82
C ALA A 193 14.30 3.94 -21.27
N PRO A 194 14.25 2.79 -21.98
CA PRO A 194 13.38 1.75 -21.42
C PRO A 194 13.71 1.38 -19.94
N TYR A 195 14.92 1.68 -19.48
CA TYR A 195 15.34 1.41 -18.09
C TYR A 195 15.03 2.56 -17.06
N CYS A 196 14.36 3.62 -17.51
CA CYS A 196 14.18 4.78 -16.62
C CYS A 196 13.00 4.64 -15.68
N GLN A 197 13.08 5.36 -14.58
CA GLN A 197 12.01 5.44 -13.65
C GLN A 197 11.94 6.91 -13.38
N LEU A 198 10.77 7.48 -13.43
CA LEU A 198 10.58 8.86 -13.04
C LEU A 198 10.00 8.72 -11.66
N ASP A 199 10.71 9.13 -10.62
CA ASP A 199 10.21 9.02 -9.24
C ASP A 199 9.98 10.36 -8.56
N VAL A 200 9.03 10.38 -7.64
CA VAL A 200 8.97 11.54 -6.79
C VAL A 200 9.15 11.14 -5.36
N VAL A 201 9.87 11.93 -4.59
CA VAL A 201 10.02 11.62 -3.19
C VAL A 201 9.47 12.75 -2.38
N VAL A 202 8.58 12.45 -1.42
CA VAL A 202 7.91 13.46 -0.61
C VAL A 202 8.76 13.96 0.57
N HIS A 203 8.97 15.27 0.71
CA HIS A 203 9.76 15.81 1.81
C HIS A 203 8.80 16.70 2.60
N ASP A 204 9.16 17.07 3.84
CA ASP A 204 8.26 17.82 4.75
C ASP A 204 7.79 19.13 4.08
N ASN A 205 6.59 19.54 4.46
CA ASN A 205 6.13 20.87 4.11
C ASN A 205 5.89 20.93 2.64
N ASN A 206 5.39 19.87 2.03
CA ASN A 206 4.99 20.00 0.63
C ASN A 206 6.17 20.36 -0.33
N ARG A 207 7.31 19.69 -0.10
CA ARG A 207 8.42 19.75 -1.01
C ARG A 207 8.58 18.42 -1.77
N TYR A 208 8.54 18.46 -3.09
CA TYR A 208 8.63 17.25 -3.88
C TYR A 208 9.93 17.13 -4.70
N GLN A 209 10.58 15.97 -4.65
CA GLN A 209 11.85 15.82 -5.36
C GLN A 209 11.55 14.85 -6.46
N VAL A 210 11.80 15.27 -7.69
CA VAL A 210 11.62 14.35 -8.77
C VAL A 210 13.06 13.90 -9.06
N LYS A 211 13.22 12.60 -9.34
CA LYS A 211 14.50 11.97 -9.63
C LYS A 211 14.34 11.01 -10.76
N GLY A 212 15.45 10.64 -11.40
CA GLY A 212 15.34 9.64 -12.40
C GLY A 212 15.42 10.26 -13.79
N CYS A 213 14.72 9.67 -14.73
CA CYS A 213 14.97 10.11 -16.11
C CYS A 213 13.79 9.74 -16.93
N LEU A 214 13.69 10.35 -18.10
CA LEU A 214 12.74 9.82 -19.07
C LEU A 214 13.19 10.04 -20.53
N ALA A 215 12.50 9.37 -21.42
CA ALA A 215 12.70 9.56 -22.83
C ALA A 215 12.33 11.04 -23.22
N ARG A 216 13.09 11.57 -24.16
CA ARG A 216 12.67 12.82 -24.82
C ARG A 216 11.18 12.85 -25.05
N GLN A 217 10.48 13.90 -24.57
CA GLN A 217 9.04 14.04 -24.82
C GLN A 217 8.70 15.02 -25.99
N TYR A 218 7.58 14.81 -26.66
CA TYR A 218 7.27 15.64 -27.83
C TYR A 218 5.93 16.32 -27.70
N LYS A 219 5.49 16.39 -26.44
CA LYS A 219 4.44 17.29 -25.88
C LYS A 219 4.88 17.67 -24.45
N PRO A 220 4.21 18.66 -23.84
CA PRO A 220 4.59 18.88 -22.42
C PRO A 220 4.13 17.70 -21.53
N PHE A 221 5.00 17.31 -20.63
CA PHE A 221 4.78 16.22 -19.71
C PHE A 221 4.12 16.66 -18.38
N GLY A 222 2.82 16.51 -18.28
CA GLY A 222 2.15 16.80 -17.00
C GLY A 222 2.50 15.93 -15.77
N LEU A 223 2.65 16.57 -14.63
CA LEU A 223 2.58 15.80 -13.40
C LEU A 223 1.53 16.41 -12.50
N SER A 224 0.61 15.58 -12.09
CA SER A 224 -0.54 15.97 -11.36
C SER A 224 -0.33 15.39 -9.97
N PHE A 225 0.10 16.20 -9.01
CA PHE A 225 0.43 15.76 -7.62
C PHE A 225 -0.64 15.98 -6.49
N ALA A 226 -0.60 15.09 -5.49
CA ALA A 226 -1.44 15.23 -4.34
C ALA A 226 -0.67 16.04 -3.33
N VAL A 227 -1.31 17.05 -2.76
CA VAL A 227 -0.76 17.80 -1.63
C VAL A 227 -0.59 16.78 -0.47
N GLN A 228 0.51 16.86 0.25
CA GLN A 228 0.79 15.87 1.26
C GLN A 228 0.51 16.44 2.64
N ASN A 229 0.93 17.69 2.91
CA ASN A 229 0.56 18.31 4.19
C ASN A 229 -0.61 19.32 3.96
N THR A 230 -1.83 18.90 4.28
CA THR A 230 -3.01 19.65 3.85
C THR A 230 -3.26 20.85 4.79
N ASP A 231 -2.89 20.75 6.06
CA ASP A 231 -2.99 21.90 6.95
C ASP A 231 -2.01 22.97 6.54
N ALA A 232 -0.77 22.60 6.22
CA ALA A 232 0.23 23.63 5.89
C ALA A 232 -0.11 24.34 4.60
N TYR A 233 -0.59 23.57 3.63
CA TYR A 233 -0.99 24.10 2.34
C TYR A 233 -2.20 25.08 2.48
N ALA A 234 -3.20 24.64 3.22
CA ALA A 234 -4.38 25.50 3.45
C ALA A 234 -3.93 26.79 4.21
N ALA A 235 -3.04 26.66 5.18
CA ALA A 235 -2.62 27.82 5.91
C ALA A 235 -1.86 28.82 5.01
N ALA A 236 -1.06 28.31 4.08
CA ALA A 236 -0.31 29.13 3.15
C ALA A 236 -1.23 29.74 2.11
N ILE A 237 -2.20 28.98 1.63
CA ILE A 237 -3.21 29.59 0.77
C ILE A 237 -3.93 30.75 1.51
N ILE A 238 -4.45 30.50 2.74
CA ILE A 238 -5.16 31.51 3.50
C ILE A 238 -4.28 32.84 3.62
N GLN A 239 -3.02 32.70 4.06
CA GLN A 239 -2.08 33.88 4.12
C GLN A 239 -1.96 34.69 2.83
N ARG A 240 -1.82 34.02 1.70
CA ARG A 240 -1.77 34.72 0.44
C ARG A 240 -3.08 35.35 0.07
N GLN A 241 -4.19 34.70 0.42
CA GLN A 241 -5.46 35.31 0.07
C GLN A 241 -5.72 36.56 0.98
N LEU A 242 -5.48 36.47 2.28
CA LEU A 242 -5.55 37.65 3.14
C LEU A 242 -4.70 38.80 2.60
N ARG A 243 -3.47 38.50 2.20
CA ARG A 243 -2.62 39.52 1.67
C ARG A 243 -3.24 40.16 0.42
N LYS A 244 -3.63 39.35 -0.56
CA LYS A 244 -4.27 39.81 -1.75
C LYS A 244 -5.58 40.56 -1.45
N LEU A 245 -6.32 40.14 -0.41
CA LEU A 245 -7.51 40.91 -0.02
C LEU A 245 -7.17 42.24 0.68
N GLY A 246 -5.89 42.48 0.91
CA GLY A 246 -5.51 43.66 1.65
C GLY A 246 -5.74 43.58 3.16
N ILE A 247 -5.90 42.39 3.73
CA ILE A 247 -6.01 42.29 5.16
C ILE A 247 -4.64 42.01 5.75
N GLU A 248 -4.22 42.87 6.69
CA GLU A 248 -2.88 42.76 7.23
C GLU A 248 -2.83 41.66 8.29
N PHE A 249 -1.81 40.81 8.19
CA PHE A 249 -1.61 39.75 9.18
C PHE A 249 -0.12 39.50 9.34
N ASN A 250 0.35 39.48 10.57
CA ASN A 250 1.78 39.29 10.84
C ASN A 250 2.01 38.31 11.97
N GLY A 251 1.02 37.45 12.28
CA GLY A 251 1.08 36.56 13.44
C GLY A 251 1.54 35.15 13.06
N LYS A 252 1.41 34.20 13.96
CA LYS A 252 1.82 32.84 13.64
C LYS A 252 0.66 31.97 13.12
N VAL A 253 1.02 30.83 12.55
CA VAL A 253 0.05 29.86 12.10
C VAL A 253 0.06 28.79 13.19
N LEU A 254 -1.11 28.52 13.76
CA LEU A 254 -1.22 27.56 14.86
C LEU A 254 -2.14 26.41 14.49
N LEU A 255 -1.71 25.23 14.89
CA LEU A 255 -2.44 23.98 14.56
C LEU A 255 -2.70 23.22 15.80
N PRO A 256 -3.61 23.72 16.65
CA PRO A 256 -3.78 23.12 17.98
C PRO A 256 -4.47 21.75 18.05
N GLN A 257 -5.13 21.28 16.99
CA GLN A 257 -5.63 19.90 17.05
C GLN A 257 -6.78 19.60 18.01
N LYS A 258 -7.51 20.58 18.50
CA LYS A 258 -8.75 20.29 19.16
C LYS A 258 -9.79 21.32 18.69
N PRO A 259 -11.06 21.08 18.97
CA PRO A 259 -12.07 22.02 18.53
C PRO A 259 -11.73 23.42 19.01
N GLN A 260 -12.00 24.46 18.25
CA GLN A 260 -11.74 25.83 18.74
C GLN A 260 -13.05 26.57 18.94
N GLN A 261 -13.27 27.27 20.03
CA GLN A 261 -14.51 28.07 20.10
C GLN A 261 -14.29 29.51 19.72
N GLY A 262 -15.30 30.14 19.16
CA GLY A 262 -15.24 31.55 18.99
C GLY A 262 -16.58 31.96 18.46
N GLN A 263 -16.69 33.22 18.09
CA GLN A 263 -17.94 33.69 17.51
C GLN A 263 -17.89 33.44 16.02
N LEU A 264 -19.00 32.99 15.44
CA LEU A 264 -19.14 32.69 14.03
C LEU A 264 -19.17 33.96 13.20
N LEU A 265 -18.28 34.11 12.25
CA LEU A 265 -18.24 35.32 11.50
C LEU A 265 -18.82 35.12 10.10
N ALA A 266 -18.77 33.87 9.61
CA ALA A 266 -19.07 33.58 8.20
C ALA A 266 -18.94 32.08 7.93
N LYS A 267 -19.88 31.49 7.22
CA LYS A 267 -19.85 30.04 6.99
C LYS A 267 -20.10 29.83 5.47
N HIS A 268 -19.24 29.06 4.82
CA HIS A 268 -19.41 28.70 3.40
C HIS A 268 -20.07 27.29 3.40
N LEU A 269 -21.09 27.02 2.60
CA LEU A 269 -21.68 25.70 2.67
C LEU A 269 -21.44 25.00 1.35
N SER A 270 -21.08 23.71 1.40
CA SER A 270 -20.91 23.01 0.15
C SER A 270 -22.29 22.81 -0.48
N LYS A 271 -22.30 22.28 -1.67
CA LYS A 271 -23.53 21.72 -2.15
C LYS A 271 -24.03 20.59 -1.31
N PRO A 272 -25.35 20.41 -1.30
CA PRO A 272 -25.94 19.46 -0.41
C PRO A 272 -25.79 17.99 -0.84
N LEU A 273 -26.07 17.12 0.10
CA LEU A 273 -25.86 15.72 -0.12
C LEU A 273 -26.33 15.18 -1.47
N PRO A 274 -27.60 15.51 -1.96
CA PRO A 274 -27.89 14.78 -3.22
C PRO A 274 -26.92 15.13 -4.39
N ASP A 275 -26.41 16.37 -4.41
CA ASP A 275 -25.44 16.85 -5.41
C ASP A 275 -24.11 16.10 -5.20
N LEU A 276 -23.65 15.99 -3.95
CA LEU A 276 -22.40 15.28 -3.69
C LEU A 276 -22.48 13.82 -4.11
N LEU A 277 -23.58 13.15 -3.74
CA LEU A 277 -23.81 11.76 -4.08
C LEU A 277 -23.92 11.52 -5.60
N LYS A 278 -24.63 12.39 -6.31
CA LYS A 278 -24.71 12.24 -7.76
C LYS A 278 -23.34 12.30 -8.36
N LYS A 279 -22.54 13.27 -7.95
CA LYS A 279 -21.25 13.32 -8.52
C LYS A 279 -20.31 12.12 -8.13
N MET A 280 -20.33 11.70 -6.85
CA MET A 280 -19.56 10.60 -6.40
C MET A 280 -20.00 9.36 -7.17
N MET A 281 -21.27 9.14 -7.42
CA MET A 281 -21.70 7.92 -8.06
C MET A 281 -21.48 7.93 -9.62
N LYS A 282 -21.73 9.09 -10.25
CA LYS A 282 -21.64 9.14 -11.74
C LYS A 282 -20.22 9.11 -12.12
N LYS A 283 -19.41 9.90 -11.43
CA LYS A 283 -18.04 10.05 -11.84
C LYS A 283 -17.12 9.24 -10.98
N SER A 284 -17.61 8.67 -9.87
CA SER A 284 -16.68 7.95 -8.98
C SER A 284 -15.61 8.86 -8.43
N ASP A 285 -15.98 9.86 -7.65
CA ASP A 285 -15.04 10.70 -6.99
C ASP A 285 -14.60 10.07 -5.68
N ASN A 286 -13.29 9.77 -5.57
CA ASN A 286 -12.80 9.06 -4.39
C ASN A 286 -12.91 9.90 -3.12
N GLN A 287 -12.57 11.17 -3.27
CA GLN A 287 -12.44 12.08 -2.12
C GLN A 287 -13.83 12.37 -1.57
N ILE A 288 -14.82 12.44 -2.44
CA ILE A 288 -16.15 12.63 -1.93
C ILE A 288 -16.63 11.39 -1.11
N ALA A 289 -16.39 10.19 -1.62
CA ALA A 289 -16.63 8.98 -0.84
C ALA A 289 -15.91 8.94 0.53
N ASP A 290 -14.59 9.14 0.59
CA ASP A 290 -13.90 9.08 1.89
C ASP A 290 -14.27 10.29 2.84
N SER A 291 -14.55 11.45 2.26
CA SER A 291 -15.08 12.58 3.08
C SER A 291 -16.41 12.24 3.71
N LEU A 292 -17.34 11.79 2.89
CA LEU A 292 -18.66 11.37 3.42
C LEU A 292 -18.53 10.20 4.44
N PHE A 293 -17.60 9.30 4.17
CA PHE A 293 -17.43 8.12 4.98
C PHE A 293 -17.08 8.62 6.38
N ARG A 294 -16.16 9.55 6.50
CA ARG A 294 -15.89 10.05 7.86
C ARG A 294 -16.87 11.08 8.41
N ALA A 295 -17.45 11.90 7.55
CA ALA A 295 -18.54 12.83 8.00
C ALA A 295 -19.66 11.93 8.65
N VAL A 296 -20.07 10.85 7.98
CA VAL A 296 -21.02 9.90 8.56
C VAL A 296 -20.62 9.50 9.97
N ALA A 297 -19.38 9.06 10.19
CA ALA A 297 -18.96 8.71 11.55
C ALA A 297 -18.95 9.89 12.54
N PHE A 298 -18.50 11.05 12.10
CA PHE A 298 -18.48 12.20 12.96
C PHE A 298 -19.91 12.47 13.48
N ASN A 299 -20.84 12.49 12.57
CA ASN A 299 -22.17 12.87 12.94
C ASN A 299 -22.91 11.77 13.70
N TYR A 300 -22.57 10.52 13.42
CA TYR A 300 -23.30 9.41 14.01
C TYR A 300 -22.86 9.15 15.44
N TYR A 301 -21.57 9.32 15.72
CA TYR A 301 -20.94 9.02 17.00
C TYR A 301 -20.61 10.27 17.78
N LYS A 302 -20.74 11.41 17.12
CA LYS A 302 -20.47 12.69 17.71
C LYS A 302 -19.06 12.75 18.27
N ARG A 303 -18.06 12.33 17.52
CA ARG A 303 -16.68 12.47 17.97
C ARG A 303 -15.73 12.49 16.74
N PRO A 304 -14.46 13.01 16.89
CA PRO A 304 -13.54 13.10 15.74
C PRO A 304 -13.51 11.74 15.06
N ALA A 305 -13.54 11.69 13.73
CA ALA A 305 -13.66 10.42 12.99
C ALA A 305 -12.38 10.03 12.30
N SER A 306 -11.94 8.81 12.59
CA SER A 306 -10.90 8.15 11.83
C SER A 306 -11.53 7.18 10.78
N PHE A 307 -10.71 6.57 9.94
CA PHE A 307 -11.27 5.60 9.03
C PHE A 307 -11.87 4.41 9.79
N GLN A 308 -11.24 4.04 10.89
CA GLN A 308 -11.80 3.00 11.77
C GLN A 308 -13.23 3.30 12.26
N LEU A 309 -13.49 4.54 12.67
CA LEU A 309 -14.84 4.88 13.06
C LEU A 309 -15.82 4.86 11.87
N GLY A 310 -15.31 5.32 10.72
CA GLY A 310 -16.10 5.33 9.50
C GLY A 310 -16.53 3.88 9.21
N THR A 311 -15.59 2.94 9.29
CA THR A 311 -15.96 1.52 9.18
C THR A 311 -17.07 1.09 10.16
N LEU A 312 -16.90 1.43 11.42
CA LEU A 312 -17.89 1.02 12.40
C LEU A 312 -19.25 1.61 12.13
N ALA A 313 -19.27 2.90 11.82
CA ALA A 313 -20.54 3.60 11.59
C ALA A 313 -21.29 3.06 10.38
N VAL A 314 -20.60 2.89 9.24
CA VAL A 314 -21.30 2.44 8.05
C VAL A 314 -21.94 1.03 8.24
N LYS A 315 -21.23 0.19 8.94
CA LYS A 315 -21.77 -1.15 9.22
C LYS A 315 -22.97 -1.18 10.13
N SER A 316 -22.90 -0.39 11.20
CA SER A 316 -23.95 -0.29 12.20
C SER A 316 -25.18 0.35 11.56
N ILE A 317 -25.00 1.38 10.73
CA ILE A 317 -26.14 1.99 10.11
C ILE A 317 -26.80 1.01 9.14
N LEU A 318 -26.00 0.37 8.31
CA LEU A 318 -26.62 -0.54 7.36
C LEU A 318 -27.20 -1.80 8.04
N GLN A 319 -26.55 -2.23 9.08
CA GLN A 319 -27.02 -3.45 9.79
C GLN A 319 -28.43 -3.19 10.37
N LYS A 320 -28.67 -1.98 10.86
CA LYS A 320 -30.02 -1.63 11.34
C LYS A 320 -31.03 -1.72 10.26
N GLN A 321 -30.60 -1.58 9.02
CA GLN A 321 -31.55 -1.65 7.95
C GLN A 321 -31.59 -3.07 7.47
N GLY A 322 -30.93 -4.01 8.12
CA GLY A 322 -31.07 -5.42 7.67
C GLY A 322 -29.98 -5.98 6.78
N ILE A 323 -28.96 -5.20 6.46
CA ILE A 323 -27.79 -5.70 5.73
C ILE A 323 -26.88 -6.59 6.61
N ARG A 324 -26.42 -7.75 6.14
CA ARG A 324 -25.50 -8.51 7.01
C ARG A 324 -24.10 -8.53 6.43
N PHE A 325 -23.08 -8.16 7.21
CA PHE A 325 -21.70 -8.10 6.70
C PHE A 325 -20.80 -9.30 7.01
N GLY A 326 -21.21 -10.14 7.95
CA GLY A 326 -20.38 -11.32 8.42
C GLY A 326 -18.99 -10.78 8.67
N ASN A 327 -17.98 -11.40 8.06
CA ASN A 327 -16.60 -10.98 8.28
C ASN A 327 -16.05 -10.11 7.15
N SER A 328 -16.92 -9.46 6.41
CA SER A 328 -16.48 -8.47 5.39
C SER A 328 -15.49 -7.48 6.00
N ILE A 329 -14.57 -6.95 5.21
CA ILE A 329 -13.68 -5.87 5.66
C ILE A 329 -13.95 -4.65 4.81
N LEU A 330 -14.46 -3.61 5.43
CA LEU A 330 -14.71 -2.35 4.74
C LEU A 330 -13.74 -1.37 5.34
N ALA A 331 -12.62 -1.07 4.68
CA ALA A 331 -11.60 -0.24 5.37
C ALA A 331 -11.77 1.21 5.00
N ASP A 332 -12.64 1.50 4.03
CA ASP A 332 -12.78 2.88 3.55
C ASP A 332 -14.09 3.09 2.84
N GLY A 333 -14.36 4.32 2.48
CA GLY A 333 -15.63 4.61 1.80
C GLY A 333 -15.45 4.54 0.27
N SER A 334 -14.22 4.67 -0.25
CA SER A 334 -14.06 4.74 -1.69
C SER A 334 -13.76 3.35 -2.29
N GLY A 335 -13.32 2.39 -1.46
CA GLY A 335 -12.88 1.07 -1.95
C GLY A 335 -11.43 1.04 -2.46
N LEU A 336 -10.64 2.05 -2.15
CA LEU A 336 -9.28 2.01 -2.71
C LEU A 336 -8.44 0.97 -1.97
N SER A 337 -8.70 0.72 -0.69
CA SER A 337 -7.83 -0.20 0.05
C SER A 337 -7.76 -1.63 -0.49
N ARG A 338 -6.56 -2.18 -0.51
CA ARG A 338 -6.32 -3.55 -0.94
C ARG A 338 -6.67 -4.53 0.19
N HIS A 339 -7.07 -4.00 1.34
CA HIS A 339 -7.58 -4.86 2.42
C HIS A 339 -9.09 -5.13 2.38
N ASN A 340 -9.85 -4.39 1.55
CA ASN A 340 -11.29 -4.55 1.50
C ASN A 340 -11.60 -5.96 1.09
N LEU A 341 -12.61 -6.52 1.69
CA LEU A 341 -13.04 -7.86 1.29
C LEU A 341 -14.56 -7.87 1.40
N VAL A 342 -15.24 -8.19 0.31
CA VAL A 342 -16.69 -8.22 0.36
C VAL A 342 -17.16 -9.20 -0.68
N ALA A 343 -18.17 -10.01 -0.34
CA ALA A 343 -18.71 -10.94 -1.33
C ALA A 343 -19.77 -10.32 -2.22
N PRO A 344 -19.83 -10.76 -3.49
CA PRO A 344 -20.86 -10.22 -4.36
C PRO A 344 -22.26 -10.22 -3.74
N LYS A 345 -22.64 -11.32 -3.02
CA LYS A 345 -24.05 -11.35 -2.48
C LYS A 345 -24.28 -10.24 -1.45
N THR A 346 -23.27 -9.81 -0.71
CA THR A 346 -23.48 -8.72 0.25
C THR A 346 -23.77 -7.40 -0.48
N MET A 347 -22.97 -7.12 -1.52
CA MET A 347 -23.22 -5.93 -2.36
C MET A 347 -24.63 -6.05 -2.91
N LEU A 348 -25.03 -7.27 -3.27
CA LEU A 348 -26.33 -7.40 -3.91
C LEU A 348 -27.47 -7.07 -2.98
N SER A 349 -27.30 -7.42 -1.70
CA SER A 349 -28.39 -7.18 -0.76
C SER A 349 -28.54 -5.65 -0.56
N VAL A 350 -27.45 -4.88 -0.62
CA VAL A 350 -27.57 -3.42 -0.59
C VAL A 350 -28.24 -2.85 -1.86
N LEU A 351 -27.91 -3.40 -3.02
CA LEU A 351 -28.56 -3.00 -4.24
C LEU A 351 -30.05 -3.27 -4.20
N GLU A 352 -30.47 -4.41 -3.67
CA GLU A 352 -31.95 -4.69 -3.49
C GLU A 352 -32.60 -3.74 -2.52
N TYR A 353 -31.90 -3.45 -1.43
CA TYR A 353 -32.34 -2.41 -0.44
C TYR A 353 -32.48 -1.05 -1.13
N ILE A 354 -31.48 -0.65 -1.92
CA ILE A 354 -31.65 0.51 -2.79
C ILE A 354 -32.90 0.54 -3.75
N ALA A 355 -33.10 -0.51 -4.54
CA ALA A 355 -34.26 -0.58 -5.43
C ALA A 355 -35.58 -0.58 -4.60
N LYS A 356 -35.59 -1.32 -3.50
CA LYS A 356 -36.80 -1.43 -2.71
C LYS A 356 -37.17 -0.08 -2.07
N ASN A 357 -36.19 0.74 -1.69
CA ASN A 357 -36.52 1.99 -0.96
C ASN A 357 -36.35 3.21 -1.83
N GLU A 358 -36.46 3.00 -3.12
CA GLU A 358 -36.27 4.07 -4.07
C GLU A 358 -37.11 5.36 -3.77
N ASP A 359 -38.37 5.21 -3.32
CA ASP A 359 -39.20 6.40 -3.02
C ASP A 359 -38.67 7.26 -1.89
N LYS A 360 -37.92 6.68 -0.98
CA LYS A 360 -37.29 7.44 0.07
C LYS A 360 -35.84 7.83 -0.28
N LEU A 361 -35.07 6.96 -0.94
CA LEU A 361 -33.65 7.26 -1.08
C LEU A 361 -33.33 8.06 -2.30
N HIS A 362 -34.08 7.82 -3.39
CA HIS A 362 -33.72 8.41 -4.64
C HIS A 362 -32.23 8.19 -5.00
N LEU A 363 -31.70 6.97 -4.88
CA LEU A 363 -30.34 6.73 -5.35
C LEU A 363 -30.25 6.16 -6.75
N MET A 364 -31.38 5.70 -7.30
CA MET A 364 -31.32 5.09 -8.63
C MET A 364 -30.71 6.00 -9.70
N GLU A 365 -31.15 7.26 -9.68
CA GLU A 365 -30.75 8.24 -10.67
C GLU A 365 -29.32 8.58 -10.49
N THR A 366 -28.68 8.19 -9.38
CA THR A 366 -27.20 8.45 -9.29
C THR A 366 -26.25 7.49 -10.08
N PHE A 367 -26.74 6.29 -10.35
CA PHE A 367 -26.00 5.29 -11.14
C PHE A 367 -25.67 5.76 -12.58
N PRO A 368 -24.41 5.64 -12.99
CA PRO A 368 -24.05 5.82 -14.43
C PRO A 368 -24.98 5.00 -15.36
N ILE A 369 -25.30 5.58 -16.50
CA ILE A 369 -26.21 4.97 -17.48
C ILE A 369 -25.47 4.61 -18.77
N ALA A 370 -25.60 3.34 -19.15
CA ALA A 370 -24.87 2.78 -20.28
C ALA A 370 -25.15 3.54 -21.59
N GLY A 371 -24.07 3.95 -22.19
CA GLY A 371 -23.98 4.81 -23.36
C GLY A 371 -24.53 6.19 -23.14
N VAL A 372 -24.80 6.58 -21.90
CA VAL A 372 -25.41 7.89 -21.67
C VAL A 372 -24.56 8.80 -20.77
N ASP A 373 -24.22 8.39 -19.55
CA ASP A 373 -23.39 9.30 -18.74
C ASP A 373 -22.48 8.56 -17.75
N GLY A 374 -21.74 9.34 -16.96
CA GLY A 374 -20.88 8.79 -15.95
C GLY A 374 -19.77 7.92 -16.55
N THR A 375 -19.24 7.02 -15.74
CA THR A 375 -18.11 6.19 -16.08
C THR A 375 -18.43 5.04 -17.06
N ILE A 376 -19.71 4.74 -17.32
CA ILE A 376 -20.00 3.77 -18.38
C ILE A 376 -20.65 4.40 -19.66
N SER A 377 -20.47 5.70 -19.91
CA SER A 377 -21.04 6.29 -21.15
C SER A 377 -20.40 5.69 -22.39
N GLY A 378 -19.12 5.36 -22.31
CA GLY A 378 -18.46 4.68 -23.43
C GLY A 378 -17.96 3.27 -23.12
N ARG A 379 -18.55 2.59 -22.12
CA ARG A 379 -18.14 1.21 -21.69
C ARG A 379 -18.39 0.15 -22.79
N GLY A 380 -17.30 -0.40 -23.34
CA GLY A 380 -17.35 -1.30 -24.50
C GLY A 380 -18.38 -2.44 -24.52
N GLY A 381 -18.54 -3.16 -23.41
CA GLY A 381 -19.48 -4.28 -23.41
C GLY A 381 -20.95 -3.86 -23.39
N LEU A 382 -21.20 -2.60 -23.05
CA LEU A 382 -22.52 -2.17 -22.71
C LEU A 382 -23.12 -1.22 -23.77
N ILE A 383 -22.42 -0.92 -24.87
CA ILE A 383 -22.87 0.23 -25.71
C ILE A 383 -23.76 -0.14 -26.88
N SER A 384 -24.20 -1.40 -26.97
CA SER A 384 -25.09 -1.80 -28.02
C SER A 384 -26.43 -2.24 -27.46
N PRO A 385 -27.49 -2.06 -28.26
CA PRO A 385 -28.73 -2.66 -27.81
C PRO A 385 -28.41 -4.14 -27.56
N PRO A 386 -29.14 -4.76 -26.68
CA PRO A 386 -30.22 -4.19 -25.83
C PRO A 386 -29.67 -3.65 -24.50
N LEU A 387 -28.38 -3.37 -24.42
CA LEU A 387 -27.84 -2.95 -23.12
C LEU A 387 -27.80 -1.40 -22.91
N VAL A 388 -27.36 -0.69 -23.95
CA VAL A 388 -27.21 0.75 -23.98
C VAL A 388 -28.55 1.41 -23.56
N LYS A 389 -28.53 2.45 -22.72
CA LYS A 389 -29.76 3.07 -22.18
C LYS A 389 -30.61 2.17 -21.36
N ASN A 390 -30.03 1.09 -20.82
CA ASN A 390 -30.79 0.11 -20.03
C ASN A 390 -29.96 -0.24 -18.74
N VAL A 391 -28.82 -0.90 -18.91
CA VAL A 391 -27.90 -1.10 -17.78
C VAL A 391 -27.52 0.22 -17.10
N ILE A 392 -27.71 0.30 -15.81
CA ILE A 392 -27.06 1.41 -15.10
C ILE A 392 -26.17 0.72 -14.03
N ALA A 393 -25.02 1.28 -13.71
CA ALA A 393 -24.06 0.50 -12.94
C ALA A 393 -22.99 1.38 -12.40
N LYS A 394 -22.72 1.20 -11.10
CA LYS A 394 -21.49 1.72 -10.54
C LYS A 394 -20.27 0.85 -10.92
N THR A 395 -19.22 1.44 -11.48
CA THR A 395 -18.01 0.75 -11.79
C THR A 395 -17.00 0.77 -10.63
N GLY A 396 -16.05 -0.19 -10.66
CA GLY A 396 -14.86 -0.05 -9.83
C GLY A 396 -13.70 -0.61 -10.62
N SER A 397 -12.55 0.08 -10.58
CA SER A 397 -11.32 -0.34 -11.28
C SER A 397 -10.14 -0.05 -10.37
N LEU A 398 -9.23 -1.00 -10.29
CA LEU A 398 -7.91 -0.85 -9.70
C LEU A 398 -7.00 -1.66 -10.67
N LYS A 399 -5.68 -1.63 -10.49
CA LYS A 399 -4.86 -2.56 -11.28
C LYS A 399 -5.37 -4.01 -11.10
N GLY A 400 -5.78 -4.68 -12.19
CA GLY A 400 -6.22 -6.08 -12.00
C GLY A 400 -7.68 -6.29 -11.62
N VAL A 401 -8.43 -5.20 -11.44
CA VAL A 401 -9.80 -5.32 -10.90
C VAL A 401 -10.77 -4.57 -11.78
N TYR A 402 -11.82 -5.24 -12.23
CA TYR A 402 -12.81 -4.58 -13.10
C TYR A 402 -14.20 -5.02 -12.69
N ASN A 403 -14.95 -4.10 -12.05
CA ASN A 403 -16.20 -4.49 -11.37
C ASN A 403 -17.36 -3.60 -11.85
N LEU A 404 -18.58 -4.11 -11.73
CA LEU A 404 -19.82 -3.35 -11.98
C LEU A 404 -20.83 -3.72 -10.94
N ALA A 405 -21.70 -2.79 -10.52
CA ALA A 405 -22.74 -3.22 -9.61
C ALA A 405 -23.94 -2.36 -9.97
N GLY A 406 -25.10 -2.97 -10.28
CA GLY A 406 -26.19 -2.10 -10.71
C GLY A 406 -27.43 -2.84 -11.10
N PHE A 407 -28.13 -2.31 -12.10
CA PHE A 407 -29.51 -2.78 -12.36
C PHE A 407 -29.71 -2.73 -13.85
N MET A 408 -30.73 -3.46 -14.32
CA MET A 408 -31.12 -3.44 -15.73
C MET A 408 -32.53 -4.01 -15.83
N THR A 409 -33.13 -3.79 -17.00
CA THR A 409 -34.43 -4.31 -17.34
C THR A 409 -34.21 -5.45 -18.37
N ASN A 410 -34.78 -6.60 -18.11
CA ASN A 410 -34.66 -7.68 -19.04
C ASN A 410 -35.77 -7.66 -20.14
N ALA A 411 -35.75 -8.69 -21.02
CA ALA A 411 -36.61 -8.72 -22.20
C ALA A 411 -38.09 -8.78 -21.82
N ARG A 412 -38.41 -9.24 -20.61
CA ARG A 412 -39.78 -9.25 -20.11
C ARG A 412 -40.20 -7.98 -19.35
N GLY A 413 -39.33 -6.98 -19.25
CA GLY A 413 -39.64 -5.76 -18.53
C GLY A 413 -39.42 -5.80 -17.04
N GLU A 414 -38.89 -6.91 -16.51
CA GLU A 414 -38.61 -7.08 -15.06
C GLU A 414 -37.26 -6.46 -14.68
N LYS A 415 -37.13 -6.04 -13.41
CA LYS A 415 -35.88 -5.43 -12.97
C LYS A 415 -34.89 -6.49 -12.46
N VAL A 416 -33.65 -6.43 -12.95
CA VAL A 416 -32.58 -7.29 -12.46
C VAL A 416 -31.49 -6.48 -11.73
N ALA A 417 -31.17 -6.86 -10.49
CA ALA A 417 -30.03 -6.30 -9.75
C ALA A 417 -28.82 -7.20 -9.95
N PHE A 418 -27.62 -6.63 -10.14
CA PHE A 418 -26.48 -7.55 -10.34
C PHE A 418 -25.18 -7.01 -9.78
N VAL A 419 -24.28 -7.96 -9.49
CA VAL A 419 -22.96 -7.61 -9.04
C VAL A 419 -21.90 -8.43 -9.80
N GLN A 420 -20.95 -7.75 -10.43
CA GLN A 420 -19.88 -8.41 -11.08
C GLN A 420 -18.55 -7.97 -10.43
N PHE A 421 -17.84 -8.89 -9.75
CA PHE A 421 -16.46 -8.59 -9.34
C PHE A 421 -15.47 -9.45 -10.17
N ILE A 422 -14.49 -8.79 -10.79
CA ILE A 422 -13.39 -9.50 -11.47
C ILE A 422 -12.10 -9.04 -10.81
N ASN A 423 -11.29 -9.96 -10.32
CA ASN A 423 -9.98 -9.70 -9.66
C ASN A 423 -8.93 -10.59 -10.37
N GLY A 424 -7.63 -10.33 -10.19
CA GLY A 424 -6.57 -11.05 -10.88
C GLY A 424 -6.54 -11.02 -12.42
N TYR A 425 -7.09 -9.94 -12.99
CA TYR A 425 -7.09 -9.67 -14.41
C TYR A 425 -5.74 -9.09 -14.78
N SER A 426 -4.98 -9.84 -15.59
CA SER A 426 -3.64 -9.44 -15.95
C SER A 426 -3.41 -9.89 -17.41
N THR A 427 -3.06 -8.94 -18.24
CA THR A 427 -2.74 -9.27 -19.62
C THR A 427 -1.33 -8.89 -20.11
N GLY A 428 -0.45 -8.40 -19.25
CA GLY A 428 0.95 -8.14 -19.62
C GLY A 428 1.84 -7.72 -18.46
N ASP A 429 2.84 -6.90 -18.73
CA ASP A 429 3.66 -6.36 -17.65
C ASP A 429 2.92 -5.45 -16.65
N LEU A 430 3.44 -5.40 -15.42
CA LEU A 430 2.91 -4.53 -14.33
C LEU A 430 2.70 -3.02 -14.76
N GLU A 431 3.65 -2.49 -15.56
CA GLU A 431 3.63 -1.11 -16.06
C GLU A 431 2.93 -0.90 -17.45
N SER A 432 2.77 -1.96 -18.24
CA SER A 432 2.16 -1.81 -19.59
C SER A 432 0.63 -1.52 -19.58
N LYS A 433 0.08 -1.21 -20.75
CA LYS A 433 -1.35 -0.88 -20.89
C LYS A 433 -2.23 -2.14 -20.89
N THR A 434 -3.16 -2.24 -19.94
CA THR A 434 -4.10 -3.37 -19.88
C THR A 434 -5.00 -3.44 -21.11
N LYS A 435 -5.18 -4.66 -21.65
CA LYS A 435 -6.07 -4.94 -22.79
C LYS A 435 -7.50 -5.27 -22.34
N ARG A 436 -8.46 -4.45 -22.78
CA ARG A 436 -9.80 -4.56 -22.30
C ARG A 436 -10.64 -5.48 -23.20
N ALA A 437 -10.12 -5.90 -24.36
CA ALA A 437 -10.97 -6.69 -25.26
C ALA A 437 -11.52 -7.93 -24.55
N PRO A 438 -10.71 -8.62 -23.73
CA PRO A 438 -11.38 -9.75 -23.05
C PRO A 438 -12.52 -9.30 -22.07
N LEU A 439 -12.29 -8.26 -21.28
CA LEU A 439 -13.37 -7.60 -20.54
C LEU A 439 -14.62 -7.22 -21.36
N VAL A 440 -14.42 -6.53 -22.45
CA VAL A 440 -15.58 -6.13 -23.33
C VAL A 440 -16.38 -7.38 -23.75
N GLN A 441 -15.70 -8.42 -24.22
CA GLN A 441 -16.44 -9.62 -24.60
C GLN A 441 -17.19 -10.17 -23.43
N PHE A 442 -16.51 -10.34 -22.28
CA PHE A 442 -17.16 -11.02 -21.19
C PHE A 442 -18.38 -10.21 -20.76
N GLU A 443 -18.24 -8.89 -20.63
CA GLU A 443 -19.38 -8.12 -20.16
C GLU A 443 -20.55 -8.12 -21.18
N ARG A 444 -20.23 -7.96 -22.47
CA ARG A 444 -21.28 -8.01 -23.48
C ARG A 444 -22.08 -9.32 -23.39
N ASN A 445 -21.36 -10.44 -23.22
CA ASN A 445 -22.03 -11.74 -23.04
C ASN A 445 -22.82 -11.87 -21.78
N LEU A 446 -22.24 -11.46 -20.67
CA LEU A 446 -22.97 -11.69 -19.39
C LEU A 446 -24.28 -10.86 -19.36
N TYR A 447 -24.19 -9.61 -19.79
CA TYR A 447 -25.38 -8.73 -19.63
C TYR A 447 -26.49 -9.11 -20.67
N ASN A 448 -26.02 -9.57 -21.84
CA ASN A 448 -26.90 -10.24 -22.81
C ASN A 448 -27.52 -11.47 -22.25
N GLU A 449 -26.74 -12.27 -21.52
CA GLU A 449 -27.44 -13.44 -20.89
C GLU A 449 -28.47 -13.02 -19.88
N LEU A 450 -28.15 -12.00 -19.10
CA LEU A 450 -29.07 -11.57 -18.05
C LEU A 450 -30.37 -10.96 -18.68
N TYR A 451 -30.17 -10.23 -19.79
CA TYR A 451 -31.26 -9.65 -20.60
C TYR A 451 -32.26 -10.75 -21.04
N LYS A 452 -31.73 -11.80 -21.65
CA LYS A 452 -32.49 -12.94 -22.24
C LYS A 452 -32.97 -14.03 -21.32
N TYR A 453 -32.39 -14.16 -20.12
CA TYR A 453 -32.69 -15.32 -19.27
C TYR A 453 -34.20 -15.50 -19.01
N MET B 1 -8.26 -37.63 -8.54
CA MET B 1 -7.52 -36.79 -7.55
C MET B 1 -8.20 -36.64 -6.19
N ILE B 2 -7.48 -36.12 -5.22
CA ILE B 2 -8.05 -35.68 -3.93
C ILE B 2 -9.18 -34.66 -4.08
N ASN B 3 -10.20 -34.74 -3.23
CA ASN B 3 -11.33 -33.85 -3.31
C ASN B 3 -11.04 -32.60 -2.45
N VAL B 4 -10.30 -31.63 -3.01
CA VAL B 4 -9.93 -30.45 -2.22
C VAL B 4 -11.21 -29.66 -1.89
N SER B 5 -12.15 -29.65 -2.83
CA SER B 5 -13.43 -28.99 -2.58
C SER B 5 -14.00 -29.37 -1.25
N ASP B 6 -14.22 -30.64 -1.03
CA ASP B 6 -14.71 -31.00 0.28
C ASP B 6 -13.90 -30.42 1.41
N LEU B 7 -12.58 -30.45 1.28
CA LEU B 7 -11.72 -29.93 2.37
C LEU B 7 -11.93 -28.42 2.63
N THR B 8 -12.13 -27.65 1.56
CA THR B 8 -12.24 -26.21 1.79
C THR B 8 -13.55 -25.78 2.52
N GLN B 9 -14.49 -26.71 2.78
CA GLN B 9 -15.61 -26.42 3.72
C GLN B 9 -15.27 -26.15 5.16
N LYS B 10 -14.13 -26.58 5.62
CA LYS B 10 -13.77 -26.26 6.98
C LYS B 10 -13.06 -24.91 7.04
N LEU B 11 -12.82 -24.30 5.86
CA LEU B 11 -12.11 -23.02 5.87
C LEU B 11 -13.17 -21.95 6.13
N PRO B 12 -12.77 -20.76 6.57
CA PRO B 12 -13.85 -19.78 6.83
C PRO B 12 -14.62 -19.34 5.59
N GLU B 13 -15.94 -19.14 5.74
CA GLU B 13 -16.80 -18.61 4.67
C GLU B 13 -16.24 -17.37 3.98
N GLY B 14 -16.39 -17.30 2.65
CA GLY B 14 -15.75 -16.23 1.89
C GLY B 14 -14.29 -16.43 1.52
N SER B 15 -13.57 -17.40 2.13
CA SER B 15 -12.14 -17.54 1.78
C SER B 15 -12.09 -18.25 0.46
N ASN B 16 -10.93 -18.18 -0.16
CA ASN B 16 -10.76 -18.81 -1.47
C ASN B 16 -9.45 -19.60 -1.41
N ALA B 17 -9.47 -20.84 -1.91
CA ALA B 17 -8.26 -21.63 -1.86
C ALA B 17 -7.78 -22.01 -3.29
N GLY B 18 -6.46 -22.03 -3.46
CA GLY B 18 -5.86 -22.58 -4.63
C GLY B 18 -4.86 -23.68 -4.22
N VAL B 19 -5.10 -24.89 -4.73
CA VAL B 19 -4.28 -26.04 -4.33
C VAL B 19 -3.94 -26.93 -5.53
N ILE B 20 -2.64 -27.27 -5.64
CA ILE B 20 -2.17 -28.17 -6.63
C ILE B 20 -1.01 -28.98 -6.07
N ALA B 21 -0.97 -30.28 -6.40
CA ALA B 21 0.11 -31.18 -5.90
C ALA B 21 0.43 -32.25 -6.91
N LYS B 22 1.73 -32.55 -7.04
CA LYS B 22 2.14 -33.46 -8.05
C LYS B 22 2.97 -34.62 -7.39
N ASN B 23 2.60 -35.85 -7.67
CA ASN B 23 3.44 -36.99 -7.33
C ASN B 23 4.63 -37.01 -8.31
N ILE B 24 5.81 -36.61 -7.82
CA ILE B 24 6.95 -36.44 -8.74
C ILE B 24 7.39 -37.78 -9.34
N ASN B 25 7.46 -38.80 -8.50
CA ASN B 25 7.83 -40.15 -8.95
C ASN B 25 6.92 -40.63 -10.12
N GLN B 26 5.60 -40.53 -9.95
CA GLN B 26 4.68 -41.02 -10.98
C GLN B 26 4.39 -39.99 -12.05
N ASN B 27 5.01 -38.81 -11.96
CA ASN B 27 4.63 -37.65 -12.79
C ASN B 27 3.10 -37.43 -12.98
N GLN B 28 2.39 -37.40 -11.87
CA GLN B 28 0.94 -37.36 -11.90
C GLN B 28 0.39 -36.22 -10.99
N ILE B 29 -0.56 -35.43 -11.51
CA ILE B 29 -1.19 -34.43 -10.69
C ILE B 29 -2.21 -35.16 -9.82
N ILE B 30 -2.12 -34.99 -8.50
CA ILE B 30 -3.06 -35.69 -7.62
C ILE B 30 -3.97 -34.77 -6.79
N ALA B 31 -3.84 -33.44 -6.97
CA ALA B 31 -4.79 -32.43 -6.44
C ALA B 31 -4.69 -31.22 -7.39
N ASP B 32 -5.83 -30.72 -7.89
CA ASP B 32 -5.89 -29.56 -8.79
C ASP B 32 -7.17 -28.75 -8.54
N TYR B 33 -7.05 -27.66 -7.80
CA TYR B 33 -8.22 -26.93 -7.38
C TYR B 33 -7.81 -25.45 -7.50
N ASN B 34 -8.52 -24.71 -8.37
CA ASN B 34 -8.16 -23.35 -8.75
C ASN B 34 -6.68 -23.24 -9.02
N GLY B 35 -6.13 -24.30 -9.59
CA GLY B 35 -4.69 -24.39 -9.78
C GLY B 35 -4.20 -23.36 -10.75
N SER B 36 -5.13 -22.82 -11.59
CA SER B 36 -4.70 -21.81 -12.57
C SER B 36 -5.12 -20.37 -12.14
N THR B 37 -5.74 -20.23 -11.00
CA THR B 37 -6.16 -18.89 -10.54
C THR B 37 -4.98 -18.09 -9.98
N PHE B 38 -4.72 -16.88 -10.46
CA PHE B 38 -3.73 -16.00 -9.83
C PHE B 38 -4.13 -15.63 -8.39
N MET B 39 -3.21 -15.73 -7.43
CA MET B 39 -3.50 -15.40 -6.05
C MET B 39 -2.33 -14.70 -5.46
N LEU B 40 -2.44 -14.32 -4.21
CA LEU B 40 -1.34 -13.60 -3.55
C LEU B 40 -0.45 -14.69 -2.93
N PRO B 41 0.82 -14.78 -3.34
CA PRO B 41 1.66 -15.87 -2.85
C PRO B 41 2.32 -15.52 -1.50
N ALA B 42 2.26 -14.24 -1.10
CA ALA B 42 2.95 -13.84 0.11
C ALA B 42 4.39 -14.36 0.08
N SER B 43 4.90 -14.74 1.26
CA SER B 43 6.36 -15.06 1.32
C SER B 43 6.70 -16.40 0.61
N THR B 44 5.74 -17.10 0.01
CA THR B 44 6.17 -18.30 -0.78
C THR B 44 6.85 -17.77 -2.03
N GLN B 45 6.62 -16.51 -2.36
CA GLN B 45 7.36 -15.90 -3.48
C GLN B 45 8.88 -16.08 -3.40
N LYS B 46 9.41 -16.15 -2.19
CA LYS B 46 10.87 -16.21 -1.99
C LYS B 46 11.49 -17.48 -2.64
N VAL B 47 10.67 -18.49 -2.92
CA VAL B 47 11.16 -19.67 -3.68
C VAL B 47 11.71 -19.22 -5.04
N PHE B 48 10.95 -18.38 -5.76
CA PHE B 48 11.42 -17.85 -7.02
C PHE B 48 12.76 -17.16 -6.78
N THR B 49 12.82 -16.34 -5.75
CA THR B 49 14.04 -15.51 -5.58
C THR B 49 15.27 -16.41 -5.30
N ALA B 50 15.04 -17.47 -4.53
CA ALA B 50 16.14 -18.38 -4.15
C ALA B 50 16.75 -19.00 -5.42
N VAL B 51 15.89 -19.38 -6.36
CA VAL B 51 16.30 -20.10 -7.51
C VAL B 51 17.07 -19.13 -8.43
N ALA B 52 16.56 -17.89 -8.58
CA ALA B 52 17.23 -16.91 -9.41
C ALA B 52 18.60 -16.56 -8.86
N ALA B 53 18.68 -16.40 -7.55
CA ALA B 53 19.93 -16.12 -6.86
C ALA B 53 20.94 -17.24 -7.12
N LYS B 54 20.55 -18.49 -6.85
CA LYS B 54 21.45 -19.66 -7.11
C LYS B 54 22.03 -19.57 -8.49
N LEU B 55 21.14 -19.37 -9.46
CA LEU B 55 21.49 -19.37 -10.88
C LEU B 55 22.33 -18.20 -11.31
N ALA B 56 21.93 -16.98 -10.92
CA ALA B 56 22.66 -15.83 -11.46
C ALA B 56 23.74 -15.32 -10.49
N LEU B 57 23.63 -15.58 -9.20
CA LEU B 57 24.69 -15.10 -8.33
C LEU B 57 25.64 -16.24 -7.92
N GLY B 58 25.12 -17.39 -7.51
CA GLY B 58 26.01 -18.54 -7.30
C GLY B 58 26.49 -18.60 -5.88
N ASP B 59 27.00 -19.77 -5.50
CA ASP B 59 27.32 -20.05 -4.14
C ASP B 59 28.46 -19.17 -3.61
N GLN B 60 29.25 -18.56 -4.47
CA GLN B 60 30.40 -17.77 -3.96
C GLN B 60 30.06 -16.29 -3.74
N PHE B 61 28.86 -15.87 -4.19
CA PHE B 61 28.36 -14.52 -4.00
C PHE B 61 28.37 -14.06 -2.54
N GLN B 62 28.84 -12.84 -2.36
CA GLN B 62 28.80 -12.22 -1.03
C GLN B 62 28.54 -10.77 -1.22
N PHE B 63 27.79 -10.12 -0.34
CA PHE B 63 27.69 -8.61 -0.37
C PHE B 63 28.95 -7.96 0.21
N GLU B 64 29.53 -7.02 -0.53
CA GLU B 64 30.67 -6.22 -0.05
C GLU B 64 30.21 -4.86 0.51
N THR B 65 30.68 -4.55 1.71
CA THR B 65 30.60 -3.16 2.21
C THR B 65 32.03 -2.65 2.22
N ALA B 66 32.31 -1.50 1.59
CA ALA B 66 33.69 -1.07 1.35
C ALA B 66 34.02 0.40 1.73
N LEU B 67 35.29 0.67 2.07
CA LEU B 67 35.80 2.03 2.27
C LEU B 67 36.84 2.26 1.23
N LEU B 68 36.74 3.39 0.56
CA LEU B 68 37.66 3.73 -0.49
C LEU B 68 37.98 5.21 -0.29
N SER B 69 38.99 5.70 -1.01
CA SER B 69 39.29 7.14 -1.02
C SER B 69 40.10 7.50 -2.25
N ASN B 70 39.98 8.76 -2.68
CA ASN B 70 40.82 9.28 -3.77
C ASN B 70 42.00 10.11 -3.29
N GLY B 71 42.23 10.12 -1.98
CA GLY B 71 43.30 10.93 -1.44
C GLY B 71 44.36 9.95 -1.01
N LYS B 72 45.49 10.45 -0.57
CA LYS B 72 46.47 9.54 -0.02
C LYS B 72 46.68 9.81 1.47
N ILE B 73 46.93 8.73 2.23
CA ILE B 73 47.29 8.78 3.65
C ILE B 73 48.69 9.40 3.78
N GLN B 74 48.92 10.19 4.84
CA GLN B 74 50.20 10.89 5.03
C GLN B 74 50.16 11.77 6.27
N ASN B 75 50.78 11.30 7.36
CA ASN B 75 50.80 12.00 8.66
C ASN B 75 49.61 11.63 9.49
N GLY B 76 49.04 10.49 9.18
CA GLY B 76 47.84 10.02 9.87
C GLY B 76 46.62 10.64 9.22
N ASN B 77 46.86 11.41 8.17
CA ASN B 77 45.79 12.12 7.50
C ASN B 77 45.31 11.41 6.24
N LEU B 78 44.00 11.35 6.03
CA LEU B 78 43.43 10.96 4.74
C LEU B 78 43.03 12.21 3.94
N ASP B 79 43.87 12.54 2.98
CA ASP B 79 43.79 13.82 2.31
C ASP B 79 42.81 13.84 1.16
N GLY B 80 41.57 13.46 1.46
CA GLY B 80 40.48 13.41 0.49
C GLY B 80 39.27 12.83 1.20
N ASN B 81 38.18 12.60 0.47
CA ASN B 81 36.97 11.97 1.02
C ASN B 81 37.15 10.55 1.48
N LEU B 82 36.44 10.15 2.54
CA LEU B 82 36.16 8.72 2.80
C LEU B 82 34.86 8.33 2.08
N ILE B 83 34.98 7.47 1.08
CA ILE B 83 33.84 6.87 0.35
C ILE B 83 33.41 5.56 1.04
N VAL B 84 32.14 5.47 1.48
CA VAL B 84 31.65 4.23 2.05
C VAL B 84 30.65 3.60 1.10
N SER B 85 31.02 2.38 0.68
CA SER B 85 30.33 1.64 -0.36
C SER B 85 29.29 0.70 0.21
N PHE B 86 28.02 0.88 -0.11
CA PHE B 86 27.04 -0.06 0.45
C PHE B 86 26.36 -0.71 -0.72
N THR B 87 26.19 -2.02 -0.66
CA THR B 87 25.62 -2.77 -1.81
C THR B 87 24.41 -3.66 -1.42
N GLY B 88 23.79 -3.42 -0.27
CA GLY B 88 22.49 -4.01 0.03
C GLY B 88 22.61 -5.13 1.01
N ASP B 89 23.81 -5.39 1.50
CA ASP B 89 24.07 -6.46 2.47
C ASP B 89 22.95 -6.46 3.47
N PRO B 90 22.10 -7.51 3.51
CA PRO B 90 21.01 -7.37 4.45
C PRO B 90 21.36 -7.90 5.84
N ASP B 91 22.62 -8.26 6.05
CA ASP B 91 23.02 -8.93 7.26
C ASP B 91 24.21 -8.15 7.90
N LEU B 92 24.33 -6.84 7.64
CA LEU B 92 25.40 -6.03 8.18
C LEU B 92 25.04 -5.55 9.58
N THR B 93 25.88 -5.89 10.58
CA THR B 93 25.66 -5.41 11.96
C THR B 93 26.38 -4.07 12.20
N ARG B 94 25.98 -3.39 13.26
CA ARG B 94 26.67 -2.16 13.66
C ARG B 94 28.14 -2.48 14.06
N GLY B 95 28.36 -3.58 14.78
CA GLY B 95 29.72 -4.14 15.10
C GLY B 95 30.57 -4.38 13.87
N GLN B 96 29.98 -4.98 12.84
CA GLN B 96 30.71 -5.19 11.61
C GLN B 96 31.12 -3.90 10.96
N LEU B 97 30.20 -2.94 10.96
CA LEU B 97 30.52 -1.68 10.34
C LEU B 97 31.66 -1.06 11.13
N TYR B 98 31.58 -1.17 12.43
CA TYR B 98 32.60 -0.56 13.30
C TYR B 98 33.95 -1.19 12.93
N SER B 99 33.98 -2.53 12.92
CA SER B 99 35.28 -3.24 12.68
C SER B 99 35.82 -2.82 11.36
N LEU B 100 34.94 -2.56 10.41
CA LEU B 100 35.40 -2.10 9.11
C LEU B 100 36.06 -0.72 9.17
N LEU B 101 35.41 0.21 9.88
CA LEU B 101 35.99 1.56 10.08
C LEU B 101 37.34 1.49 10.89
N ALA B 102 37.41 0.61 11.89
CA ALA B 102 38.69 0.29 12.62
C ALA B 102 39.93 0.07 11.69
N GLU B 103 39.74 -0.70 10.62
CA GLU B 103 40.76 -0.86 9.58
C GLU B 103 41.39 0.46 9.16
N LEU B 104 40.64 1.56 9.32
CA LEU B 104 41.18 2.85 8.89
C LEU B 104 42.34 3.25 9.83
N LYS B 105 42.21 2.79 11.06
CA LYS B 105 43.07 3.12 12.15
C LYS B 105 44.26 2.14 12.15
N LYS B 106 44.00 0.84 11.96
CA LYS B 106 45.09 -0.11 11.89
C LYS B 106 46.06 0.44 10.87
N GLN B 107 45.54 1.11 9.86
CA GLN B 107 46.33 1.64 8.78
C GLN B 107 46.81 3.03 9.14
N GLY B 108 46.71 3.38 10.43
CA GLY B 108 47.14 4.69 10.91
C GLY B 108 46.49 5.98 10.39
N ILE B 109 45.20 5.94 10.04
CA ILE B 109 44.58 7.20 9.65
C ILE B 109 44.11 7.82 10.95
N LYS B 110 44.51 9.07 11.16
CA LYS B 110 44.25 9.79 12.40
C LYS B 110 43.04 10.68 12.23
N LYS B 111 42.92 11.21 11.02
CA LYS B 111 41.79 12.02 10.72
C LYS B 111 41.62 12.12 9.22
N ILE B 112 40.39 12.46 8.80
CA ILE B 112 40.02 12.55 7.40
C ILE B 112 39.87 14.00 7.04
N ASN B 113 40.63 14.51 6.10
CA ASN B 113 40.51 15.95 5.87
C ASN B 113 39.22 16.27 5.14
N GLY B 114 38.68 15.27 4.47
CA GLY B 114 37.60 15.54 3.52
C GLY B 114 36.19 15.28 4.01
N ASP B 115 35.34 14.99 3.03
CA ASP B 115 33.93 14.73 3.24
C ASP B 115 33.61 13.26 3.40
N LEU B 116 32.44 12.96 3.94
CA LEU B 116 31.92 11.59 3.97
C LEU B 116 31.03 11.36 2.74
N VAL B 117 31.40 10.39 1.89
CA VAL B 117 30.67 10.15 0.63
C VAL B 117 30.10 8.71 0.67
N LEU B 118 28.76 8.57 0.57
CA LEU B 118 28.10 7.22 0.54
C LEU B 118 27.83 6.84 -0.91
N ASP B 119 28.24 5.64 -1.30
CA ASP B 119 28.00 5.11 -2.66
C ASP B 119 26.99 3.98 -2.47
N THR B 120 25.80 4.20 -2.99
CA THR B 120 24.67 3.30 -2.86
C THR B 120 24.18 3.07 -4.29
N SER B 121 25.05 3.33 -5.26
CA SER B 121 24.62 3.36 -6.65
C SER B 121 24.24 1.97 -7.22
N VAL B 122 24.48 0.87 -6.50
CA VAL B 122 24.07 -0.43 -7.09
C VAL B 122 22.57 -0.65 -7.08
N PHE B 123 21.87 -0.04 -6.10
CA PHE B 123 20.42 0.02 -6.14
C PHE B 123 19.93 1.33 -6.66
N SER B 124 18.77 1.29 -7.27
CA SER B 124 18.29 2.40 -8.01
C SER B 124 16.80 2.57 -7.73
N SER B 125 16.28 3.79 -7.87
CA SER B 125 14.88 4.10 -7.63
C SER B 125 14.52 3.86 -6.18
N HIS B 126 13.25 3.61 -5.87
CA HIS B 126 12.84 3.43 -4.48
C HIS B 126 13.33 2.15 -3.85
N ASP B 127 13.47 2.12 -2.53
CA ASP B 127 13.82 0.93 -1.80
C ASP B 127 12.58 0.19 -1.28
N ARG B 128 11.42 0.40 -1.89
CA ARG B 128 10.22 -0.29 -1.44
C ARG B 128 9.51 -0.82 -2.69
N GLY B 129 8.93 -2.03 -2.65
CA GLY B 129 8.30 -2.55 -3.84
C GLY B 129 7.06 -1.75 -4.17
N LEU B 130 6.64 -1.78 -5.44
CA LEU B 130 5.32 -1.26 -5.85
C LEU B 130 4.20 -2.13 -5.25
N GLY B 131 3.18 -1.47 -4.69
CA GLY B 131 2.01 -2.18 -4.26
C GLY B 131 2.23 -2.63 -2.86
N TRP B 132 3.28 -2.13 -2.23
CA TRP B 132 3.36 -2.36 -0.77
C TRP B 132 2.45 -1.36 -0.11
N ILE B 133 2.03 -1.70 1.10
CA ILE B 133 0.98 -1.01 1.79
C ILE B 133 1.63 0.12 2.61
N TRP B 134 1.04 1.32 2.63
CA TRP B 134 1.77 2.44 3.24
C TRP B 134 1.87 2.33 4.77
N ASN B 135 0.82 1.83 5.43
CA ASN B 135 0.70 2.01 6.90
C ASN B 135 1.57 1.01 7.66
N ASP B 136 2.17 0.05 6.95
CA ASP B 136 3.07 -0.92 7.56
C ASP B 136 4.55 -0.55 7.40
N LEU B 137 4.83 0.54 6.69
CA LEU B 137 6.22 0.90 6.34
C LEU B 137 7.10 1.17 7.57
N THR B 138 6.44 1.52 8.70
CA THR B 138 7.13 1.79 9.96
C THR B 138 7.43 0.51 10.77
N MET B 139 6.83 -0.64 10.43
CA MET B 139 7.16 -1.92 11.11
C MET B 139 8.46 -2.49 10.64
N CYS B 140 9.10 -3.16 11.58
CA CYS B 140 10.41 -3.76 11.38
C CYS B 140 10.42 -4.89 10.28
N PHE B 141 9.36 -5.72 10.19
CA PHE B 141 9.21 -6.70 9.08
C PHE B 141 9.34 -6.02 7.74
N ASN B 142 9.01 -4.75 7.74
CA ASN B 142 8.90 -4.06 6.49
C ASN B 142 10.01 -3.05 6.32
N SER B 143 11.07 -3.17 7.10
CA SER B 143 12.19 -2.22 6.99
C SER B 143 12.75 -2.30 5.57
N PRO B 144 13.22 -1.14 5.02
CA PRO B 144 13.63 -1.03 3.61
C PRO B 144 14.86 -1.87 3.26
N PRO B 145 14.73 -2.73 2.25
CA PRO B 145 15.91 -3.46 1.79
C PRO B 145 16.83 -2.49 1.02
N ALA B 146 17.36 -1.45 1.69
CA ALA B 146 18.11 -0.45 0.95
C ALA B 146 19.56 -0.92 0.76
N ALA B 147 20.35 -0.13 0.06
CA ALA B 147 21.76 -0.41 -0.14
C ALA B 147 22.41 -0.38 1.23
N ALA B 148 22.12 0.68 2.00
CA ALA B 148 22.67 0.84 3.34
C ALA B 148 21.71 0.15 4.30
N ASN B 149 22.20 -0.85 5.01
CA ASN B 149 21.28 -1.57 5.85
C ASN B 149 22.16 -1.96 7.04
N ILE B 150 21.78 -1.50 8.23
CA ILE B 150 22.55 -1.72 9.45
C ILE B 150 21.66 -2.26 10.49
N ASP B 151 22.00 -3.43 11.02
CA ASP B 151 21.15 -4.06 12.06
C ASP B 151 19.69 -4.09 11.60
N ASN B 152 19.46 -4.63 10.39
CA ASN B 152 18.10 -4.91 9.88
C ASN B 152 17.30 -3.62 9.67
N ASN B 153 18.00 -2.49 9.69
CA ASN B 153 17.42 -1.21 9.45
C ASN B 153 16.29 -1.05 10.38
N CYS B 154 16.47 -1.46 11.62
CA CYS B 154 15.43 -1.47 12.60
C CYS B 154 15.97 -0.86 13.96
N PHE B 155 15.09 -0.21 14.75
CA PHE B 155 15.42 0.28 16.10
C PHE B 155 14.23 0.07 17.00
N TYR B 156 14.39 0.34 18.29
CA TYR B 156 13.27 0.33 19.20
C TYR B 156 13.31 1.56 20.06
N ALA B 157 12.15 1.87 20.60
CA ALA B 157 12.04 2.85 21.60
C ALA B 157 11.54 2.11 22.84
N GLU B 158 11.90 2.66 24.00
CA GLU B 158 11.38 2.29 25.32
C GLU B 158 10.12 3.05 25.71
N LEU B 159 9.06 2.32 26.06
CA LEU B 159 7.81 2.93 26.44
C LEU B 159 7.39 2.60 27.86
N ASP B 160 6.83 3.60 28.55
CA ASP B 160 6.27 3.36 29.86
C ASP B 160 4.81 3.73 29.87
N ALA B 161 3.96 2.73 29.97
CA ALA B 161 2.52 2.95 29.94
C ALA B 161 1.82 2.58 31.24
N ASN B 162 2.58 2.51 32.32
CA ASN B 162 2.01 2.23 33.63
C ASN B 162 1.50 3.54 34.24
N LYS B 163 0.44 4.07 33.68
CA LYS B 163 -0.01 5.36 34.11
C LYS B 163 -1.51 5.26 34.07
N ASN B 164 -2.21 6.24 34.60
CA ASN B 164 -3.64 6.21 34.53
C ASN B 164 -4.23 6.84 33.28
N PRO B 165 -5.38 6.32 32.87
CA PRO B 165 -6.25 6.96 31.92
C PRO B 165 -6.01 8.46 31.85
N GLY B 166 -5.69 8.95 30.65
CA GLY B 166 -5.51 10.40 30.43
C GLY B 166 -4.05 10.81 30.52
N GLU B 167 -3.26 10.02 31.22
CA GLU B 167 -1.89 10.37 31.43
C GLU B 167 -1.14 10.05 30.12
N ILE B 168 0.06 10.62 29.97
CA ILE B 168 0.89 10.44 28.76
C ILE B 168 1.91 9.29 28.92
N VAL B 169 2.02 8.42 27.92
CA VAL B 169 3.06 7.41 27.95
C VAL B 169 4.46 8.01 27.76
N LYS B 170 5.45 7.46 28.45
CA LYS B 170 6.81 8.01 28.35
C LYS B 170 7.54 7.22 27.28
N ILE B 171 8.10 7.92 26.32
CA ILE B 171 8.74 7.24 25.23
C ILE B 171 10.16 7.71 25.17
N ASN B 172 11.15 6.86 25.33
CA ASN B 172 12.50 7.37 25.27
C ASN B 172 13.26 6.61 24.20
N VAL B 173 13.84 7.33 23.27
CA VAL B 173 14.75 6.68 22.34
C VAL B 173 16.11 6.37 23.02
N PRO B 174 16.49 5.07 23.13
CA PRO B 174 17.81 4.63 23.58
C PRO B 174 18.90 5.34 22.82
N ALA B 175 19.97 5.62 23.55
CA ALA B 175 21.11 6.45 23.15
C ALA B 175 21.81 6.03 21.88
N GLN B 176 21.83 4.74 21.57
CA GLN B 176 22.55 4.37 20.35
C GLN B 176 21.89 4.75 18.98
N PHE B 177 20.63 5.16 19.02
CA PHE B 177 19.88 5.37 17.75
C PHE B 177 19.73 6.85 17.38
N PRO B 178 20.25 7.26 16.21
CA PRO B 178 20.04 8.65 15.82
C PRO B 178 18.64 8.92 15.25
N ILE B 179 17.65 8.93 16.12
CA ILE B 179 16.25 8.96 15.67
C ILE B 179 15.53 9.90 16.58
N GLN B 180 14.51 10.62 16.10
CA GLN B 180 13.58 11.24 17.01
C GLN B 180 12.22 10.55 17.01
N VAL B 181 11.66 10.40 18.21
CA VAL B 181 10.24 10.14 18.35
C VAL B 181 9.55 11.36 19.04
N PHE B 182 8.48 11.91 18.45
CA PHE B 182 7.88 13.14 18.94
C PHE B 182 6.37 13.03 18.90
N GLY B 183 5.69 13.96 19.55
CA GLY B 183 4.25 13.84 19.66
C GLY B 183 3.93 13.09 20.93
N GLN B 184 2.68 12.71 21.12
CA GLN B 184 2.43 11.95 22.35
C GLN B 184 1.28 10.95 22.35
N VAL B 185 1.47 9.89 23.14
CA VAL B 185 0.47 8.81 23.26
C VAL B 185 -0.09 8.87 24.69
N TYR B 186 -1.41 8.81 24.82
CA TYR B 186 -2.02 8.79 26.14
C TYR B 186 -2.47 7.38 26.53
N VAL B 187 -2.65 7.15 27.83
CA VAL B 187 -3.22 5.89 28.27
C VAL B 187 -4.76 5.93 28.14
N ALA B 188 -5.36 4.88 27.59
CA ALA B 188 -6.83 4.86 27.48
C ALA B 188 -7.43 4.06 28.65
N ASP B 189 -8.59 4.49 29.17
CA ASP B 189 -9.32 3.61 30.11
C ASP B 189 -9.85 2.35 29.39
N SER B 190 -10.37 1.41 30.18
CA SER B 190 -10.80 0.07 29.69
C SER B 190 -11.86 0.13 28.57
N ASN B 191 -12.65 1.19 28.56
CA ASN B 191 -13.55 1.48 27.43
C ASN B 191 -12.84 1.79 26.09
N GLU B 192 -12.14 2.92 26.01
CA GLU B 192 -11.46 3.32 24.77
C GLU B 192 -10.55 2.20 24.33
N ALA B 193 -9.83 1.67 25.31
CA ALA B 193 -8.77 0.69 25.05
C ALA B 193 -9.09 -0.31 23.95
N PRO B 194 -10.29 -0.96 23.98
CA PRO B 194 -10.64 -1.87 22.89
C PRO B 194 -10.39 -1.25 21.49
N TYR B 195 -10.82 0.00 21.28
CA TYR B 195 -10.60 0.60 19.97
C TYR B 195 -9.59 1.78 19.84
N CYS B 196 -8.36 1.45 20.22
CA CYS B 196 -7.22 2.37 20.30
C CYS B 196 -6.29 2.13 19.14
N GLN B 197 -5.91 3.20 18.46
CA GLN B 197 -4.81 3.03 17.56
C GLN B 197 -3.65 3.85 18.05
N LEU B 198 -2.48 3.26 17.97
CA LEU B 198 -1.26 3.98 18.07
C LEU B 198 -0.92 4.34 16.60
N ASP B 199 -0.84 5.63 16.27
CA ASP B 199 -0.47 6.07 14.92
C ASP B 199 0.98 6.52 14.88
N VAL B 200 1.67 6.23 13.78
CA VAL B 200 3.03 6.71 13.61
C VAL B 200 3.07 7.35 12.26
N VAL B 201 3.50 8.60 12.21
CA VAL B 201 3.69 9.34 10.96
C VAL B 201 5.17 9.66 10.79
N VAL B 202 5.67 9.38 9.59
CA VAL B 202 7.06 9.53 9.33
C VAL B 202 7.34 10.97 8.89
N HIS B 203 8.38 11.60 9.43
CA HIS B 203 8.79 12.90 8.86
C HIS B 203 10.25 12.84 8.40
N ASP B 204 10.77 13.87 7.75
CA ASP B 204 12.10 13.75 7.16
C ASP B 204 13.12 13.49 8.25
N ASN B 205 14.24 12.89 7.85
CA ASN B 205 15.41 12.67 8.70
C ASN B 205 15.08 11.82 9.88
N ASN B 206 14.32 10.73 9.66
CA ASN B 206 14.03 9.78 10.74
C ASN B 206 13.48 10.47 11.99
N ARG B 207 12.46 11.30 11.81
CA ARG B 207 11.68 11.81 12.91
C ARG B 207 10.28 11.20 12.80
N TYR B 208 9.81 10.57 13.88
CA TYR B 208 8.57 9.79 13.94
C TYR B 208 7.63 10.41 14.87
N GLN B 209 6.50 10.80 14.34
CA GLN B 209 5.45 11.36 15.16
C GLN B 209 4.50 10.25 15.62
N VAL B 210 4.32 10.11 16.91
CA VAL B 210 3.45 9.08 17.38
C VAL B 210 2.22 9.83 17.89
N LYS B 211 1.04 9.20 17.78
CA LYS B 211 -0.24 9.85 18.22
C LYS B 211 -1.19 8.77 18.66
N GLY B 212 -2.29 9.18 19.28
CA GLY B 212 -3.31 8.20 19.70
C GLY B 212 -3.17 7.71 21.14
N CYS B 213 -3.51 6.45 21.36
CA CYS B 213 -3.49 5.85 22.70
C CYS B 213 -3.05 4.42 22.72
N LEU B 214 -2.88 3.94 23.94
CA LEU B 214 -2.52 2.57 24.27
C LEU B 214 -3.29 2.18 25.54
N ALA B 215 -3.43 0.87 25.77
CA ALA B 215 -3.97 0.37 27.02
C ALA B 215 -2.84 0.33 28.05
N ARG B 216 -3.22 0.66 29.27
CA ARG B 216 -2.36 0.62 30.44
C ARG B 216 -1.56 -0.69 30.46
N GLN B 217 -0.26 -0.58 30.62
CA GLN B 217 0.54 -1.75 30.85
C GLN B 217 1.44 -1.54 32.09
N TYR B 218 1.32 -2.47 33.03
CA TYR B 218 2.06 -2.39 34.28
C TYR B 218 3.56 -2.25 34.07
N LYS B 219 4.11 -3.01 33.15
CA LYS B 219 5.55 -3.03 33.02
C LYS B 219 5.97 -2.22 31.80
N PRO B 220 7.19 -1.68 31.84
CA PRO B 220 7.78 -1.00 30.68
C PRO B 220 7.96 -2.01 29.53
N PHE B 221 8.06 -1.53 28.28
CA PHE B 221 8.29 -2.40 27.12
C PHE B 221 8.94 -1.65 25.92
N GLY B 222 9.60 -2.37 25.02
CA GLY B 222 10.14 -1.78 23.78
C GLY B 222 9.28 -1.98 22.52
N LEU B 223 9.19 -0.96 21.66
CA LEU B 223 8.57 -1.09 20.32
C LEU B 223 9.61 -0.88 19.26
N SER B 224 9.68 -1.82 18.31
CA SER B 224 10.59 -1.72 17.15
C SER B 224 9.98 -0.91 16.04
N PHE B 225 10.81 -0.23 15.28
CA PHE B 225 10.42 0.62 14.19
C PHE B 225 11.38 0.42 13.05
N ALA B 226 10.88 0.57 11.87
CA ALA B 226 11.75 0.59 10.73
C ALA B 226 12.43 1.94 10.53
N VAL B 227 13.74 1.96 10.31
CA VAL B 227 14.40 3.17 9.85
C VAL B 227 13.80 3.51 8.47
N GLN B 228 13.56 4.81 8.24
CA GLN B 228 12.98 5.30 6.98
C GLN B 228 13.98 5.91 6.04
N ASN B 229 14.80 6.82 6.52
CA ASN B 229 15.87 7.36 5.69
C ASN B 229 17.17 6.62 6.06
N THR B 230 17.61 5.69 5.18
CA THR B 230 18.62 4.74 5.52
C THR B 230 20.01 5.34 5.29
N ASP B 231 20.14 6.16 4.23
CA ASP B 231 21.33 6.95 4.00
C ASP B 231 21.70 7.82 5.20
N ALA B 232 20.71 8.45 5.82
CA ALA B 232 21.01 9.45 6.85
C ALA B 232 21.35 8.68 8.08
N TYR B 233 20.66 7.55 8.23
CA TYR B 233 20.79 6.79 9.44
C TYR B 233 22.23 6.26 9.43
N ALA B 234 22.60 5.68 8.30
CA ALA B 234 23.91 5.11 8.11
C ALA B 234 25.01 6.14 8.38
N ALA B 235 24.88 7.30 7.75
CA ALA B 235 25.85 8.34 7.91
C ALA B 235 25.98 8.86 9.34
N ALA B 236 24.85 8.98 10.06
CA ALA B 236 24.93 9.36 11.46
C ALA B 236 25.69 8.29 12.25
N ILE B 237 25.39 7.00 11.99
CA ILE B 237 26.16 5.96 12.64
C ILE B 237 27.68 5.99 12.29
N ILE B 238 28.03 6.09 11.02
CA ILE B 238 29.43 6.19 10.65
C ILE B 238 30.15 7.34 11.44
N GLN B 239 29.49 8.49 11.60
CA GLN B 239 30.14 9.61 12.30
C GLN B 239 30.28 9.35 13.78
N ARG B 240 29.29 8.72 14.42
CA ARG B 240 29.51 8.35 15.80
C ARG B 240 30.72 7.45 15.90
N GLN B 241 30.87 6.55 14.93
CA GLN B 241 31.82 5.47 15.08
C GLN B 241 33.21 6.03 14.83
N LEU B 242 33.37 6.93 13.88
CA LEU B 242 34.65 7.55 13.68
C LEU B 242 35.10 8.30 14.95
N ARG B 243 34.19 8.99 15.65
CA ARG B 243 34.56 9.54 16.96
C ARG B 243 34.99 8.50 17.95
N LYS B 244 34.20 7.45 18.07
CA LYS B 244 34.51 6.47 19.06
C LYS B 244 35.89 5.88 18.75
N LEU B 245 36.25 5.92 17.48
CA LEU B 245 37.50 5.29 17.07
C LEU B 245 38.64 6.28 17.28
N GLY B 246 38.27 7.56 17.44
CA GLY B 246 39.24 8.64 17.54
C GLY B 246 39.72 9.08 16.17
N ILE B 247 38.94 8.87 15.13
CA ILE B 247 39.29 9.42 13.79
C ILE B 247 38.66 10.77 13.47
N GLU B 248 39.48 11.78 13.28
CA GLU B 248 38.92 13.11 13.24
C GLU B 248 38.26 13.39 11.92
N PHE B 249 37.04 13.89 12.00
CA PHE B 249 36.26 14.13 10.81
C PHE B 249 35.43 15.35 11.11
N ASN B 250 35.42 16.27 10.16
CA ASN B 250 34.67 17.50 10.35
C ASN B 250 34.03 17.94 9.05
N GLY B 251 33.82 17.03 8.11
CA GLY B 251 33.38 17.40 6.78
C GLY B 251 31.87 17.23 6.58
N LYS B 252 31.44 17.34 5.33
CA LYS B 252 30.04 17.16 4.94
C LYS B 252 29.67 15.69 4.65
N VAL B 253 28.38 15.36 4.73
CA VAL B 253 27.88 14.08 4.23
C VAL B 253 27.34 14.27 2.81
N LEU B 254 27.88 13.55 1.85
CA LEU B 254 27.40 13.70 0.48
C LEU B 254 26.79 12.35 0.01
N LEU B 255 25.79 12.42 -0.86
CA LEU B 255 25.01 11.24 -1.23
C LEU B 255 24.75 11.27 -2.71
N PRO B 256 25.81 11.13 -3.51
CA PRO B 256 25.61 11.06 -4.94
C PRO B 256 24.97 9.72 -5.32
N GLN B 257 24.56 9.59 -6.57
CA GLN B 257 23.85 8.40 -6.90
C GLN B 257 24.68 7.63 -7.90
N LYS B 258 25.74 8.24 -8.39
CA LYS B 258 26.56 7.52 -9.36
C LYS B 258 27.66 6.83 -8.60
N PRO B 259 28.19 5.70 -9.14
CA PRO B 259 29.26 5.00 -8.41
C PRO B 259 30.47 5.91 -8.23
N GLN B 260 31.27 5.62 -7.22
CA GLN B 260 32.31 6.56 -6.80
C GLN B 260 33.62 5.85 -6.99
N GLN B 261 34.34 6.21 -8.05
CA GLN B 261 35.64 5.58 -8.31
C GLN B 261 36.68 6.04 -7.27
N GLY B 262 37.49 5.10 -6.77
CA GLY B 262 38.53 5.44 -5.82
C GLY B 262 39.39 4.26 -5.46
N GLN B 263 40.37 4.45 -4.59
CA GLN B 263 41.24 3.33 -4.28
C GLN B 263 40.68 2.56 -3.11
N LEU B 264 40.59 1.25 -3.26
CA LEU B 264 40.04 0.42 -2.21
C LEU B 264 40.88 0.55 -0.94
N LEU B 265 40.29 0.91 0.21
CA LEU B 265 41.07 0.96 1.45
C LEU B 265 40.78 -0.17 2.36
N ALA B 266 39.60 -0.78 2.23
CA ALA B 266 39.25 -1.90 3.08
C ALA B 266 37.87 -2.40 2.71
N LYS B 267 37.55 -3.60 3.14
CA LYS B 267 36.25 -4.11 2.82
C LYS B 267 35.84 -5.24 3.68
N HIS B 268 34.54 -5.46 3.71
CA HIS B 268 33.94 -6.44 4.58
C HIS B 268 33.01 -7.24 3.70
N LEU B 269 32.93 -8.55 3.87
CA LEU B 269 32.11 -9.39 2.99
C LEU B 269 31.05 -10.04 3.84
N SER B 270 29.80 -10.12 3.35
CA SER B 270 28.80 -10.84 4.13
C SER B 270 29.09 -12.35 4.08
N LYS B 271 28.33 -13.13 4.83
CA LYS B 271 28.24 -14.54 4.60
C LYS B 271 27.80 -14.82 3.13
N PRO B 272 28.23 -15.98 2.55
CA PRO B 272 27.98 -16.21 1.10
C PRO B 272 26.57 -16.72 0.88
N LEU B 273 26.14 -16.68 -0.37
CA LEU B 273 24.78 -17.01 -0.74
C LEU B 273 24.16 -18.23 0.02
N PRO B 274 24.91 -19.36 0.17
CA PRO B 274 24.08 -20.41 0.78
C PRO B 274 23.60 -20.09 2.18
N ASP B 275 24.39 -19.34 2.96
CA ASP B 275 23.95 -19.03 4.33
C ASP B 275 22.77 -18.03 4.29
N LEU B 276 22.93 -16.95 3.52
CA LEU B 276 21.83 -15.98 3.22
C LEU B 276 20.52 -16.69 2.85
N LEU B 277 20.60 -17.58 1.85
CA LEU B 277 19.41 -18.32 1.37
C LEU B 277 18.80 -19.17 2.45
N LYS B 278 19.63 -19.84 3.22
CA LYS B 278 19.05 -20.69 4.28
C LYS B 278 18.33 -19.84 5.36
N LYS B 279 18.94 -18.72 5.70
CA LYS B 279 18.27 -17.88 6.69
C LYS B 279 16.97 -17.29 6.09
N MET B 280 17.03 -16.80 4.87
CA MET B 280 15.82 -16.36 4.12
C MET B 280 14.72 -17.40 4.13
N MET B 281 15.05 -18.62 3.65
CA MET B 281 14.03 -19.67 3.53
C MET B 281 13.53 -20.19 4.87
N LYS B 282 14.40 -20.30 5.87
CA LYS B 282 14.03 -20.94 7.12
C LYS B 282 13.25 -19.94 7.92
N LYS B 283 13.72 -18.71 7.95
CA LYS B 283 13.14 -17.74 8.88
C LYS B 283 12.27 -16.74 8.15
N SER B 284 12.33 -16.78 6.81
CA SER B 284 11.49 -15.92 5.96
C SER B 284 11.83 -14.47 6.22
N ASP B 285 13.11 -14.18 6.09
CA ASP B 285 13.63 -12.81 6.17
C ASP B 285 13.33 -12.03 4.90
N ASN B 286 12.42 -11.04 5.05
CA ASN B 286 12.00 -10.23 3.91
C ASN B 286 13.12 -9.40 3.35
N GLN B 287 14.00 -8.89 4.22
CA GLN B 287 15.08 -8.02 3.68
C GLN B 287 16.11 -8.76 2.86
N ILE B 288 16.37 -10.00 3.22
CA ILE B 288 17.36 -10.78 2.44
C ILE B 288 16.77 -11.06 1.02
N ALA B 289 15.50 -11.46 1.05
CA ALA B 289 14.73 -11.70 -0.18
C ALA B 289 14.71 -10.51 -1.07
N ASP B 290 14.40 -9.31 -0.57
CA ASP B 290 14.41 -8.13 -1.49
C ASP B 290 15.77 -7.60 -1.89
N SER B 291 16.78 -7.67 -1.01
CA SER B 291 18.19 -7.40 -1.47
C SER B 291 18.70 -8.37 -2.53
N LEU B 292 18.54 -9.66 -2.27
CA LEU B 292 18.94 -10.68 -3.29
C LEU B 292 18.20 -10.39 -4.62
N PHE B 293 16.94 -10.01 -4.55
CA PHE B 293 16.12 -9.76 -5.73
C PHE B 293 16.76 -8.67 -6.58
N ARG B 294 17.18 -7.58 -5.95
CA ARG B 294 17.83 -6.54 -6.74
C ARG B 294 19.31 -6.83 -6.99
N ALA B 295 19.94 -7.59 -6.09
CA ALA B 295 21.34 -7.96 -6.36
C ALA B 295 21.38 -8.86 -7.61
N VAL B 296 20.30 -9.62 -7.81
CA VAL B 296 20.21 -10.44 -8.99
C VAL B 296 20.18 -9.54 -10.18
N ALA B 297 19.31 -8.53 -10.14
CA ALA B 297 19.25 -7.63 -11.30
C ALA B 297 20.55 -6.90 -11.53
N PHE B 298 21.15 -6.38 -10.47
CA PHE B 298 22.39 -5.60 -10.65
C PHE B 298 23.48 -6.41 -11.34
N ASN B 299 23.72 -7.63 -10.86
CA ASN B 299 24.74 -8.47 -11.51
C ASN B 299 24.30 -9.02 -12.87
N TYR B 300 23.01 -9.31 -13.05
CA TYR B 300 22.55 -9.88 -14.29
C TYR B 300 22.65 -8.84 -15.43
N TYR B 301 22.13 -7.65 -15.17
CA TYR B 301 22.04 -6.64 -16.20
C TYR B 301 23.23 -5.72 -16.21
N LYS B 302 24.18 -5.93 -15.29
CA LYS B 302 25.31 -4.97 -15.07
C LYS B 302 24.87 -3.50 -15.03
N ARG B 303 23.80 -3.17 -14.32
CA ARG B 303 23.42 -1.75 -14.16
C ARG B 303 22.63 -1.56 -12.86
N PRO B 304 22.53 -0.32 -12.37
CA PRO B 304 21.77 -0.09 -11.12
C PRO B 304 20.40 -0.73 -11.20
N ALA B 305 19.93 -1.25 -10.05
CA ALA B 305 18.73 -2.07 -10.04
C ALA B 305 17.53 -1.51 -9.22
N SER B 306 16.41 -1.29 -9.90
CA SER B 306 15.14 -0.97 -9.28
C SER B 306 14.46 -2.29 -9.05
N PHE B 307 13.39 -2.28 -8.25
CA PHE B 307 12.53 -3.47 -8.19
C PHE B 307 12.02 -3.89 -9.59
N GLN B 308 11.85 -2.96 -10.52
CA GLN B 308 11.26 -3.33 -11.82
C GLN B 308 12.31 -4.14 -12.54
N LEU B 309 13.57 -3.72 -12.38
CA LEU B 309 14.62 -4.51 -12.96
C LEU B 309 14.71 -5.92 -12.31
N GLY B 310 14.46 -6.03 -11.02
CA GLY B 310 14.51 -7.30 -10.34
C GLY B 310 13.50 -8.25 -10.90
N THR B 311 12.28 -7.76 -11.10
CA THR B 311 11.21 -8.50 -11.78
C THR B 311 11.69 -9.04 -13.16
N LEU B 312 12.26 -8.17 -13.96
CA LEU B 312 12.68 -8.57 -15.28
C LEU B 312 13.70 -9.68 -15.19
N ALA B 313 14.71 -9.45 -14.30
CA ALA B 313 15.82 -10.39 -14.14
C ALA B 313 15.29 -11.75 -13.68
N VAL B 314 14.40 -11.75 -12.70
CA VAL B 314 14.04 -13.04 -12.10
C VAL B 314 13.23 -13.88 -13.10
N LYS B 315 12.34 -13.22 -13.83
CA LYS B 315 11.61 -13.89 -14.89
C LYS B 315 12.52 -14.40 -16.02
N SER B 316 13.46 -13.55 -16.44
CA SER B 316 14.29 -13.90 -17.55
C SER B 316 15.12 -15.12 -17.17
N ILE B 317 15.72 -15.10 -15.96
CA ILE B 317 16.53 -16.19 -15.52
C ILE B 317 15.74 -17.51 -15.34
N LEU B 318 14.52 -17.41 -14.79
CA LEU B 318 13.77 -18.63 -14.61
C LEU B 318 13.19 -19.13 -15.99
N GLN B 319 12.91 -18.20 -16.88
CA GLN B 319 12.48 -18.54 -18.27
C GLN B 319 13.53 -19.33 -19.03
N LYS B 320 14.77 -18.87 -18.97
CA LYS B 320 15.86 -19.66 -19.49
C LYS B 320 15.82 -21.11 -19.05
N GLN B 321 15.38 -21.38 -17.84
CA GLN B 321 15.30 -22.75 -17.38
C GLN B 321 13.97 -23.44 -17.71
N GLY B 322 13.01 -22.79 -18.36
CA GLY B 322 11.82 -23.56 -18.74
C GLY B 322 10.57 -23.18 -17.98
N ILE B 323 10.74 -22.30 -17.01
CA ILE B 323 9.61 -21.84 -16.24
C ILE B 323 8.82 -20.88 -17.11
N ARG B 324 7.50 -21.07 -17.12
CA ARG B 324 6.66 -20.13 -17.81
C ARG B 324 5.76 -19.39 -16.83
N PHE B 325 5.88 -18.05 -16.87
CA PHE B 325 5.09 -17.12 -16.05
C PHE B 325 3.73 -16.59 -16.60
N GLY B 326 3.55 -16.68 -17.94
CA GLY B 326 2.35 -16.15 -18.56
C GLY B 326 2.26 -14.70 -18.08
N ASN B 327 1.11 -14.31 -17.55
CA ASN B 327 0.95 -12.92 -17.14
C ASN B 327 1.04 -12.66 -15.60
N SER B 328 1.79 -13.50 -14.89
CA SER B 328 1.99 -13.38 -13.46
C SER B 328 2.55 -12.01 -13.16
N ILE B 329 2.29 -11.50 -12.00
CA ILE B 329 2.95 -10.29 -11.61
C ILE B 329 3.83 -10.66 -10.39
N LEU B 330 5.15 -10.50 -10.51
CA LEU B 330 6.10 -10.72 -9.42
C LEU B 330 6.66 -9.31 -9.12
N ALA B 331 6.14 -8.63 -8.10
CA ALA B 331 6.55 -7.20 -7.97
C ALA B 331 7.74 -7.11 -7.04
N ASP B 332 8.02 -8.15 -6.23
CA ASP B 332 9.18 -8.08 -5.36
C ASP B 332 9.76 -9.47 -5.11
N GLY B 333 10.81 -9.56 -4.30
CA GLY B 333 11.39 -10.90 -3.96
C GLY B 333 10.77 -11.50 -2.71
N SER B 334 10.29 -10.65 -1.79
CA SER B 334 9.76 -11.15 -0.54
C SER B 334 8.30 -11.59 -0.65
N GLY B 335 7.57 -11.12 -1.66
CA GLY B 335 6.18 -11.41 -1.70
C GLY B 335 5.31 -10.47 -0.86
N LEU B 336 5.86 -9.34 -0.39
CA LEU B 336 5.03 -8.42 0.38
C LEU B 336 3.98 -7.69 -0.46
N SER B 337 4.24 -7.36 -1.70
CA SER B 337 3.33 -6.54 -2.52
C SER B 337 1.92 -7.09 -2.71
N ARG B 338 0.91 -6.20 -2.69
CA ARG B 338 -0.49 -6.67 -2.81
C ARG B 338 -0.77 -6.75 -4.30
N HIS B 339 0.20 -6.43 -5.12
CA HIS B 339 0.03 -6.57 -6.58
C HIS B 339 0.50 -7.91 -7.13
N ASN B 340 1.21 -8.72 -6.32
CA ASN B 340 1.72 -10.00 -6.77
C ASN B 340 0.55 -10.83 -7.17
N LEU B 341 0.72 -11.56 -8.26
CA LEU B 341 -0.37 -12.44 -8.78
C LEU B 341 0.33 -13.66 -9.34
N VAL B 342 0.14 -14.82 -8.72
CA VAL B 342 0.78 -16.03 -9.25
C VAL B 342 -0.17 -17.18 -9.07
N ALA B 343 -0.21 -18.11 -10.04
CA ALA B 343 -1.10 -19.29 -9.86
C ALA B 343 -0.35 -20.43 -9.17
N PRO B 344 -1.07 -21.27 -8.44
CA PRO B 344 -0.42 -22.43 -7.80
C PRO B 344 0.39 -23.26 -8.78
N LYS B 345 -0.12 -23.48 -9.98
CA LYS B 345 0.58 -24.41 -10.90
C LYS B 345 1.91 -23.78 -11.33
N THR B 346 2.02 -22.45 -11.25
CA THR B 346 3.34 -21.86 -11.64
C THR B 346 4.37 -22.05 -10.53
N MET B 347 3.94 -21.79 -9.32
CA MET B 347 4.77 -22.06 -8.15
C MET B 347 5.13 -23.59 -8.16
N LEU B 348 4.15 -24.43 -8.45
CA LEU B 348 4.46 -25.87 -8.50
C LEU B 348 5.57 -26.19 -9.51
N SER B 349 5.52 -25.61 -10.70
CA SER B 349 6.60 -25.87 -11.68
C SER B 349 8.00 -25.47 -11.17
N VAL B 350 8.09 -24.41 -10.35
CA VAL B 350 9.42 -24.06 -9.83
C VAL B 350 9.85 -25.05 -8.75
N LEU B 351 8.91 -25.55 -7.97
CA LEU B 351 9.24 -26.55 -7.00
C LEU B 351 9.70 -27.88 -7.71
N GLU B 352 9.09 -28.22 -8.83
CA GLU B 352 9.54 -29.39 -9.57
C GLU B 352 10.93 -29.17 -10.07
N TYR B 353 11.26 -27.95 -10.51
CA TYR B 353 12.61 -27.66 -11.00
C TYR B 353 13.61 -27.78 -9.85
N ILE B 354 13.23 -27.25 -8.69
CA ILE B 354 14.06 -27.39 -7.50
C ILE B 354 14.38 -28.86 -7.19
N ALA B 355 13.36 -29.71 -7.14
CA ALA B 355 13.63 -31.12 -6.79
C ALA B 355 14.44 -31.90 -7.85
N LYS B 356 14.07 -31.73 -9.11
CA LYS B 356 14.79 -32.25 -10.27
C LYS B 356 16.25 -31.85 -10.15
N ASN B 357 16.54 -30.61 -9.73
CA ASN B 357 17.94 -30.12 -9.88
C ASN B 357 18.67 -30.01 -8.56
N GLU B 358 18.15 -30.74 -7.59
CA GLU B 358 18.65 -30.73 -6.24
C GLU B 358 20.18 -31.00 -6.17
N ASP B 359 20.65 -31.94 -7.00
CA ASP B 359 22.06 -32.27 -6.96
C ASP B 359 22.94 -31.07 -7.19
N LYS B 360 22.49 -30.13 -8.03
CA LYS B 360 23.23 -28.93 -8.27
C LYS B 360 22.89 -27.70 -7.37
N LEU B 361 21.65 -27.60 -6.90
CA LEU B 361 21.18 -26.36 -6.33
C LEU B 361 21.19 -26.38 -4.82
N HIS B 362 20.86 -27.54 -4.25
CA HIS B 362 20.87 -27.74 -2.81
C HIS B 362 19.93 -26.80 -2.14
N LEU B 363 18.76 -26.57 -2.74
CA LEU B 363 17.76 -25.79 -2.06
C LEU B 363 16.85 -26.57 -1.12
N MET B 364 16.80 -27.90 -1.24
CA MET B 364 15.83 -28.64 -0.41
C MET B 364 16.07 -28.43 1.07
N GLU B 365 17.35 -28.44 1.43
CA GLU B 365 17.79 -28.23 2.80
C GLU B 365 17.45 -26.82 3.26
N THR B 366 17.05 -25.90 2.37
CA THR B 366 16.67 -24.61 2.97
C THR B 366 15.28 -24.57 3.51
N PHE B 367 14.43 -25.54 3.15
CA PHE B 367 13.00 -25.44 3.58
C PHE B 367 12.76 -25.74 5.05
N PRO B 368 11.89 -24.96 5.71
CA PRO B 368 11.47 -25.27 7.08
C PRO B 368 10.96 -26.69 7.12
N ILE B 369 11.14 -27.34 8.26
CA ILE B 369 10.75 -28.73 8.44
C ILE B 369 9.72 -28.80 9.57
N ALA B 370 8.62 -29.48 9.29
CA ALA B 370 7.44 -29.58 10.13
C ALA B 370 7.85 -30.24 11.46
N GLY B 371 7.58 -29.52 12.54
CA GLY B 371 7.91 -29.94 13.90
C GLY B 371 9.38 -29.74 14.24
N VAL B 372 10.18 -29.22 13.33
CA VAL B 372 11.60 -29.24 13.57
C VAL B 372 12.14 -27.81 13.58
N ASP B 373 12.21 -27.17 12.41
CA ASP B 373 12.79 -25.84 12.39
C ASP B 373 12.04 -24.78 11.56
N GLY B 374 12.64 -23.59 11.51
CA GLY B 374 12.11 -22.48 10.73
C GLY B 374 10.69 -22.16 11.12
N THR B 375 9.92 -21.59 10.19
CA THR B 375 8.62 -21.01 10.55
C THR B 375 7.59 -22.08 10.69
N ILE B 376 7.90 -23.34 10.36
CA ILE B 376 6.87 -24.39 10.64
C ILE B 376 7.19 -25.33 11.82
N SER B 377 8.15 -24.95 12.67
CA SER B 377 8.53 -25.79 13.84
C SER B 377 7.35 -26.13 14.73
N GLY B 378 6.38 -25.22 14.82
CA GLY B 378 5.17 -25.50 15.57
C GLY B 378 3.91 -25.41 14.73
N ARG B 379 4.00 -25.31 13.42
CA ARG B 379 2.75 -25.23 12.65
C ARG B 379 1.71 -26.26 13.02
N GLY B 380 0.57 -25.80 13.54
CA GLY B 380 -0.51 -26.68 14.05
C GLY B 380 -1.01 -27.87 13.25
N GLY B 381 -1.23 -27.73 11.94
CA GLY B 381 -1.80 -28.83 11.19
C GLY B 381 -0.74 -29.91 10.82
N LEU B 382 0.54 -29.60 11.06
CA LEU B 382 1.63 -30.42 10.55
C LEU B 382 2.42 -31.14 11.64
N ILE B 383 1.96 -31.12 12.89
CA ILE B 383 2.89 -31.56 13.95
C ILE B 383 2.72 -32.95 14.54
N SER B 384 1.90 -33.76 13.89
CA SER B 384 1.76 -35.14 14.21
C SER B 384 2.16 -35.98 13.02
N PRO B 385 2.59 -37.25 13.30
CA PRO B 385 2.80 -38.23 12.22
C PRO B 385 1.50 -38.25 11.47
N PRO B 386 1.53 -38.62 10.21
CA PRO B 386 2.78 -38.83 9.47
C PRO B 386 3.42 -37.54 8.88
N LEU B 387 3.15 -36.36 9.44
CA LEU B 387 3.57 -35.12 8.76
C LEU B 387 4.76 -34.51 9.46
N VAL B 388 4.76 -34.68 10.77
CA VAL B 388 5.86 -34.10 11.52
C VAL B 388 7.17 -34.70 10.96
N LYS B 389 8.24 -33.94 10.87
CA LYS B 389 9.52 -34.40 10.32
C LYS B 389 9.45 -34.91 8.90
N ASN B 390 8.37 -34.64 8.18
CA ASN B 390 8.22 -35.18 6.83
C ASN B 390 7.97 -34.00 5.87
N VAL B 391 6.79 -33.40 5.98
CA VAL B 391 6.51 -32.14 5.28
C VAL B 391 7.63 -31.09 5.44
N ILE B 392 8.15 -30.61 4.31
CA ILE B 392 8.99 -29.43 4.36
C ILE B 392 8.28 -28.32 3.52
N ALA B 393 8.36 -27.05 3.93
CA ALA B 393 7.51 -26.06 3.27
C ALA B 393 7.87 -24.66 3.63
N LYS B 394 7.91 -23.82 2.59
CA LYS B 394 8.04 -22.38 2.71
C LYS B 394 6.67 -21.83 3.03
N THR B 395 6.57 -21.04 4.09
CA THR B 395 5.29 -20.44 4.45
C THR B 395 5.15 -19.07 3.82
N GLY B 396 3.91 -18.62 3.76
CA GLY B 396 3.62 -17.23 3.46
C GLY B 396 2.42 -16.70 4.20
N SER B 397 2.59 -15.50 4.81
CA SER B 397 1.47 -14.91 5.57
C SER B 397 1.33 -13.44 5.35
N LEU B 398 0.07 -13.00 5.15
CA LEU B 398 -0.34 -11.58 5.25
C LEU B 398 -1.68 -11.58 5.88
N LYS B 399 -2.20 -10.39 6.18
CA LYS B 399 -3.62 -10.28 6.60
C LYS B 399 -4.52 -10.95 5.56
N GLY B 400 -5.22 -11.97 5.96
CA GLY B 400 -6.05 -12.69 5.05
C GLY B 400 -5.49 -13.84 4.20
N VAL B 401 -4.17 -14.11 4.30
CA VAL B 401 -3.47 -15.06 3.45
C VAL B 401 -2.62 -16.00 4.28
N TYR B 402 -2.81 -17.32 4.07
CA TYR B 402 -2.06 -18.43 4.73
C TYR B 402 -1.64 -19.49 3.68
N ASN B 403 -0.38 -19.42 3.30
CA ASN B 403 0.04 -20.25 2.21
C ASN B 403 1.17 -21.23 2.64
N LEU B 404 1.27 -22.35 1.92
CA LEU B 404 2.40 -23.27 2.10
C LEU B 404 2.84 -23.76 0.74
N ALA B 405 4.13 -23.79 0.45
CA ALA B 405 4.66 -24.37 -0.77
C ALA B 405 5.87 -25.28 -0.43
N GLY B 406 5.82 -26.58 -0.73
CA GLY B 406 7.07 -27.38 -0.58
C GLY B 406 6.83 -28.85 -0.91
N PHE B 407 7.32 -29.76 -0.07
CA PHE B 407 7.37 -31.18 -0.45
C PHE B 407 7.09 -32.05 0.76
N MET B 408 6.79 -33.30 0.47
CA MET B 408 6.65 -34.28 1.53
C MET B 408 6.83 -35.69 0.91
N THR B 409 6.96 -36.69 1.78
CA THR B 409 7.08 -38.07 1.30
C THR B 409 5.75 -38.73 1.59
N ASN B 410 5.19 -39.46 0.63
CA ASN B 410 3.90 -40.09 0.89
C ASN B 410 4.12 -41.51 1.46
N ALA B 411 3.03 -42.24 1.64
CA ALA B 411 3.10 -43.54 2.33
C ALA B 411 4.01 -44.51 1.57
N ARG B 412 4.15 -44.35 0.26
CA ARG B 412 5.02 -45.23 -0.51
C ARG B 412 6.44 -44.73 -0.65
N GLY B 413 6.83 -43.70 0.09
CA GLY B 413 8.16 -43.09 -0.12
C GLY B 413 8.39 -42.38 -1.46
N GLU B 414 7.32 -42.01 -2.14
CA GLU B 414 7.39 -41.08 -3.27
C GLU B 414 7.34 -39.60 -2.81
N LYS B 415 7.96 -38.74 -3.60
CA LYS B 415 8.01 -37.38 -3.22
C LYS B 415 6.81 -36.66 -3.89
N VAL B 416 6.16 -35.83 -3.10
CA VAL B 416 5.01 -35.03 -3.56
C VAL B 416 5.40 -33.55 -3.45
N ALA B 417 5.26 -32.78 -4.54
CA ALA B 417 5.48 -31.34 -4.43
C ALA B 417 4.09 -30.75 -4.40
N PHE B 418 3.88 -29.64 -3.66
CA PHE B 418 2.52 -29.10 -3.44
C PHE B 418 2.57 -27.55 -3.26
N VAL B 419 1.44 -26.90 -3.61
CA VAL B 419 1.27 -25.46 -3.39
C VAL B 419 -0.11 -25.28 -2.77
N GLN B 420 -0.14 -24.60 -1.64
CA GLN B 420 -1.38 -24.25 -0.96
C GLN B 420 -1.43 -22.72 -0.85
N PHE B 421 -2.37 -22.07 -1.58
CA PHE B 421 -2.55 -20.62 -1.44
C PHE B 421 -3.96 -20.45 -0.84
N ILE B 422 -4.07 -19.77 0.31
CA ILE B 422 -5.38 -19.44 0.82
C ILE B 422 -5.47 -17.90 0.92
N ASN B 423 -6.47 -17.28 0.29
CA ASN B 423 -6.63 -15.81 0.39
C ASN B 423 -8.01 -15.47 0.92
N GLY B 424 -8.26 -14.20 1.27
CA GLY B 424 -9.61 -13.85 1.65
C GLY B 424 -10.03 -14.50 2.96
N TYR B 425 -9.03 -14.84 3.79
CA TYR B 425 -9.33 -15.50 5.07
C TYR B 425 -9.63 -14.43 6.12
N SER B 426 -10.79 -14.51 6.73
CA SER B 426 -11.22 -13.47 7.64
C SER B 426 -12.28 -14.06 8.56
N THR B 427 -12.03 -14.06 9.85
CA THR B 427 -12.97 -14.63 10.82
C THR B 427 -13.22 -13.46 11.76
N GLY B 428 -12.67 -12.32 11.34
CA GLY B 428 -12.63 -11.04 12.05
C GLY B 428 -12.02 -9.92 11.16
N ASP B 429 -12.00 -8.68 11.68
CA ASP B 429 -11.80 -7.44 10.89
C ASP B 429 -10.32 -6.92 10.82
N LEU B 430 -10.14 -5.61 10.58
CA LEU B 430 -8.80 -4.98 10.58
C LEU B 430 -8.19 -4.88 11.99
N GLU B 431 -9.04 -5.04 13.01
CA GLU B 431 -8.68 -4.85 14.43
C GLU B 431 -8.82 -6.12 15.30
N SER B 432 -8.69 -7.30 14.68
CA SER B 432 -8.84 -8.62 15.35
C SER B 432 -8.01 -9.79 14.77
N LYS B 433 -7.08 -10.32 15.58
CA LYS B 433 -6.39 -11.60 15.31
C LYS B 433 -7.42 -12.69 14.99
N THR B 434 -7.43 -13.19 13.74
CA THR B 434 -8.44 -14.18 13.29
C THR B 434 -8.07 -15.59 13.82
N LYS B 435 -9.06 -16.44 14.13
CA LYS B 435 -8.75 -17.78 14.64
C LYS B 435 -8.12 -18.67 13.54
N ARG B 436 -7.07 -19.39 13.96
CA ARG B 436 -6.29 -20.19 13.06
C ARG B 436 -6.80 -21.64 13.10
N ALA B 437 -7.78 -21.92 13.95
CA ALA B 437 -8.33 -23.30 13.98
C ALA B 437 -8.86 -23.89 12.66
N PRO B 438 -9.64 -23.12 11.89
CA PRO B 438 -10.09 -23.79 10.63
C PRO B 438 -8.89 -24.10 9.69
N LEU B 439 -7.88 -23.25 9.74
CA LEU B 439 -6.65 -23.46 8.98
C LEU B 439 -5.85 -24.69 9.45
N VAL B 440 -5.63 -24.84 10.75
CA VAL B 440 -5.07 -26.08 11.37
C VAL B 440 -5.77 -27.34 10.86
N GLN B 441 -7.09 -27.36 10.95
CA GLN B 441 -7.88 -28.51 10.52
C GLN B 441 -7.70 -28.74 9.01
N PHE B 442 -7.80 -27.65 8.23
CA PHE B 442 -7.75 -27.82 6.78
C PHE B 442 -6.40 -28.48 6.42
N GLU B 443 -5.32 -27.93 6.97
CA GLU B 443 -3.98 -28.35 6.58
C GLU B 443 -3.74 -29.80 7.04
N ARG B 444 -4.15 -30.11 8.26
CA ARG B 444 -4.00 -31.48 8.77
C ARG B 444 -4.64 -32.45 7.83
N ASN B 445 -5.89 -32.19 7.47
CA ASN B 445 -6.61 -33.09 6.60
C ASN B 445 -6.03 -33.07 5.18
N LEU B 446 -5.62 -31.90 4.67
CA LEU B 446 -5.07 -31.87 3.30
C LEU B 446 -3.78 -32.70 3.18
N TYR B 447 -2.80 -32.45 4.06
CA TYR B 447 -1.54 -33.21 4.02
C TYR B 447 -1.67 -34.75 4.39
N ASN B 448 -2.55 -35.07 5.34
CA ASN B 448 -2.93 -36.46 5.50
C ASN B 448 -3.47 -37.11 4.23
N GLU B 449 -4.32 -36.40 3.48
CA GLU B 449 -4.83 -37.01 2.26
C GLU B 449 -3.74 -37.11 1.18
N LEU B 450 -2.85 -36.13 1.12
CA LEU B 450 -1.79 -36.24 0.15
C LEU B 450 -0.83 -37.37 0.59
N TYR B 451 -0.76 -37.58 1.90
CA TYR B 451 0.07 -38.69 2.43
C TYR B 451 -0.40 -40.07 1.96
N LYS B 452 -1.71 -40.31 2.07
CA LYS B 452 -2.31 -41.63 1.78
C LYS B 452 -2.69 -41.85 0.35
N TYR B 453 -2.88 -40.78 -0.41
CA TYR B 453 -3.33 -41.03 -1.74
C TYR B 453 -2.36 -42.01 -2.40
C14 FMZ C . -11.72 4.28 -8.14
C6 FMZ C . -12.24 5.17 -11.88
C12 FMZ C . -12.96 3.96 -11.23
C13 FMZ C . -12.48 5.20 -9.19
N1 FMZ C . -10.51 3.66 -8.69
C3 FMZ C . -9.35 4.27 -8.65
N3 FMZ C . -13.39 4.33 -9.88
O1 FMZ C . -15.28 3.80 -11.80
C2 FMZ C . -14.12 3.39 -12.00
O2 FMZ C . -13.90 2.46 -12.82
C16 FMZ C . -11.08 4.75 -12.78
C1 FMZ C . -13.16 6.06 -12.73
S1 FMZ C . -11.55 6.04 -10.50
C15 FMZ C . -12.68 3.20 -7.75
O4 FMZ C . -12.64 2.10 -8.28
O3 FMZ C . -9.23 5.40 -8.13
CAK FMZ C . -8.14 3.58 -9.22
NAL FMZ C . -7.13 4.05 -8.35
NAI FMZ C . -6.09 3.51 -7.90
CAU FMZ C . -5.62 2.21 -8.25
CAV FMZ C . -4.60 2.07 -7.04
NAO FMZ C . -4.51 3.36 -6.36
CAM FMZ C . -5.37 4.20 -6.96
OAR FMZ C . -5.60 5.49 -6.62
CAS FMZ C . -7.86 3.95 -10.62
CAZ FMZ C . -8.06 2.98 -11.60
CBC FMZ C . -7.80 3.31 -12.94
CBD FMZ C . -7.39 4.61 -13.27
CBB FMZ C . -7.18 5.59 -12.28
CBA FMZ C . -7.42 5.26 -10.93
C14 FMZ D . 6.26 -12.59 5.18
C6 FMZ D . 6.11 -14.45 8.56
C12 FMZ D . 5.64 -15.05 7.23
C13 FMZ D . 7.12 -13.36 6.22
N1 FMZ D . 5.05 -12.04 5.81
C3 FMZ D . 5.06 -10.84 6.39
N3 FMZ D . 6.60 -14.70 6.19
O1 FMZ D . 6.39 -17.19 6.70
C2 FMZ D . 5.44 -16.53 7.19
O2 FMZ D . 4.35 -17.02 7.59
C16 FMZ D . 4.96 -14.10 9.49
C1 FMZ D . 7.00 -15.43 9.35
S1 FMZ D . 6.94 -13.01 7.96
C15 FMZ D . 5.86 -13.55 4.03
O4 FMZ D . 4.70 -14.02 3.95
O3 FMZ D . 6.10 -10.14 6.45
CAK FMZ D . 3.77 -10.32 6.95
NAL FMZ D . 3.97 -8.93 6.66
NAI FMZ D . 3.09 -8.06 6.48
CAU FMZ D . 1.67 -8.36 6.63
CAV FMZ D . 1.18 -6.93 6.19
NAO FMZ D . 2.37 -6.10 5.84
CAM FMZ D . 3.46 -6.79 6.14
OAR FMZ D . 4.70 -6.27 6.09
CAS FMZ D . 3.48 -10.71 8.36
CAZ FMZ D . 2.38 -11.53 8.62
CBC FMZ D . 2.07 -11.95 9.92
CBD FMZ D . 2.90 -11.60 10.98
CBB FMZ D . 4.03 -10.80 10.73
CBA FMZ D . 4.31 -10.34 9.43
#